data_1QJ3
#
_entry.id   1QJ3
#
_cell.length_a   57.970
_cell.length_b   55.940
_cell.length_c   120.840
_cell.angle_alpha   90.00
_cell.angle_beta   95.69
_cell.angle_gamma   90.00
#
_symmetry.space_group_name_H-M   'P 1 21 1'
#
loop_
_entity.id
_entity.type
_entity.pdbx_description
1 polymer '7,8-DIAMINOPELARGONIC ACID SYNTHASE'
2 non-polymer "PYRIDOXAL-5'-PHOSPHATE"
3 non-polymer '7-KETO-8-AMINOPELARGONIC ACID'
4 non-polymer 'SODIUM ION'
5 water water
#
_entity_poly.entity_id   1
_entity_poly.type   'polypeptide(L)'
_entity_poly.pdbx_seq_one_letter_code
;MTTDDLAFDQRHILHPYTSMTSPLPVYPVVSAEGCELILSDGRRLVDGMSSWWAAIHGYNHPQLNAAMKSQIDAMSHVMF
GGITHAPAIELCRKLVAMTPQPLECVFLADSGSVAVEVAMKMALQYWQAKGEARQRFLTFRNGYHGDTFGAMSVCDPDNS
MHSLWKGYLPENLFAPAPQSRMDGEWDERDMVGFARLMAAHRHEIAAVIIEPIVQGAGGMRMYHPEWLKRIRKICDREGI
LLIADEIATGFGRTGKLFACEHAEIAPDILCLGKALTGGTMTLSATLTTREVAETISNGEAGCFMHGPTFMGNPLACAAA
NASLAILESGDWQQQVADIEVQLREQLAPARDAEMVADVRVLGAIGVVETTHPVNMAALQKFFVEQGVWIRPFGKLIYLM
PPYIILPQQLQRLTAAVNRAVQDETFFCQ
;
_entity_poly.pdbx_strand_id   A,B
#
# COMPACT_ATOMS: atom_id res chain seq x y z
N MET A 1 -9.80 25.54 7.72
CA MET A 1 -9.24 25.69 6.34
C MET A 1 -9.48 27.11 5.83
N THR A 2 -8.61 27.58 4.94
CA THR A 2 -8.75 28.93 4.43
C THR A 2 -8.99 28.87 2.93
N THR A 3 -9.19 30.05 2.32
CA THR A 3 -9.35 30.08 0.87
C THR A 3 -8.00 29.87 0.24
N ASP A 4 -6.90 30.30 0.87
CA ASP A 4 -5.58 30.02 0.30
C ASP A 4 -5.30 28.53 0.48
N ASP A 5 -5.82 27.94 1.57
CA ASP A 5 -5.66 26.49 1.73
C ASP A 5 -6.32 25.78 0.54
N LEU A 6 -7.56 26.12 0.23
CA LEU A 6 -8.29 25.49 -0.87
C LEU A 6 -7.74 25.80 -2.23
N ALA A 7 -7.12 26.98 -2.42
CA ALA A 7 -6.47 27.27 -3.71
C ALA A 7 -5.27 26.33 -3.86
N PHE A 8 -4.58 26.09 -2.74
CA PHE A 8 -3.42 25.23 -2.74
C PHE A 8 -3.79 23.79 -3.08
N ASP A 9 -4.81 23.25 -2.42
CA ASP A 9 -5.25 21.90 -2.71
C ASP A 9 -5.48 21.78 -4.23
N GLN A 10 -6.27 22.64 -4.82
CA GLN A 10 -6.59 22.61 -6.22
C GLN A 10 -5.41 22.74 -7.17
N ARG A 11 -4.44 23.56 -6.80
CA ARG A 11 -3.28 23.78 -7.67
C ARG A 11 -2.21 22.73 -7.44
N HIS A 12 -2.00 22.28 -6.19
CA HIS A 12 -0.94 21.32 -5.96
C HIS A 12 -1.23 19.87 -5.67
N ILE A 13 -2.41 19.51 -5.19
CA ILE A 13 -2.67 18.14 -4.81
C ILE A 13 -3.49 17.31 -5.76
N LEU A 14 -2.97 16.21 -6.30
CA LEU A 14 -3.77 15.35 -7.15
C LEU A 14 -4.76 14.51 -6.31
N HIS A 15 -6.03 14.49 -6.73
CA HIS A 15 -6.98 13.66 -6.00
C HIS A 15 -7.16 12.38 -6.80
N PRO A 16 -7.87 11.42 -6.25
CA PRO A 16 -8.06 10.15 -6.92
C PRO A 16 -8.87 10.30 -8.19
N TYR A 17 -8.49 9.56 -9.20
CA TYR A 17 -9.16 9.45 -10.48
C TYR A 17 -9.70 10.76 -11.04
N THR A 18 -8.88 11.81 -11.15
CA THR A 18 -9.30 13.07 -11.69
C THR A 18 -8.18 13.87 -12.35
N SER A 19 -8.48 15.01 -12.95
CA SER A 19 -7.51 15.79 -13.68
C SER A 19 -6.82 16.84 -12.83
N MET A 20 -5.55 17.16 -13.18
CA MET A 20 -4.86 18.20 -12.45
C MET A 20 -5.11 19.56 -13.07
N THR A 21 -5.47 19.62 -14.34
CA THR A 21 -5.78 20.88 -14.98
C THR A 21 -7.27 21.18 -14.82
N SER A 22 -8.06 20.12 -14.56
CA SER A 22 -9.49 20.22 -14.39
C SER A 22 -10.00 19.36 -13.24
N PRO A 23 -9.59 19.64 -12.01
CA PRO A 23 -10.09 18.94 -10.85
C PRO A 23 -11.60 19.07 -10.73
N LEU A 24 -12.22 18.20 -9.93
CA LEU A 24 -13.66 18.42 -9.76
C LEU A 24 -13.79 18.95 -8.32
N PRO A 25 -14.82 19.76 -8.14
CA PRO A 25 -14.99 20.41 -6.86
C PRO A 25 -14.70 19.44 -5.73
N VAL A 26 -13.96 19.92 -4.71
CA VAL A 26 -13.69 19.14 -3.53
C VAL A 26 -14.35 19.89 -2.36
N TYR A 27 -14.82 19.13 -1.37
CA TYR A 27 -15.48 19.76 -0.23
C TYR A 27 -14.56 19.59 0.97
N PRO A 28 -14.32 20.69 1.67
CA PRO A 28 -13.44 20.71 2.83
C PRO A 28 -14.10 20.16 4.09
N VAL A 29 -13.61 19.00 4.53
CA VAL A 29 -14.12 18.33 5.71
C VAL A 29 -13.22 18.52 6.91
N VAL A 30 -13.68 19.07 8.02
CA VAL A 30 -12.85 19.27 9.20
C VAL A 30 -12.91 18.14 10.23
N SER A 31 -13.99 17.38 10.28
CA SER A 31 -14.12 16.27 11.21
C SER A 31 -15.30 15.37 10.81
N ALA A 32 -15.45 14.24 11.51
CA ALA A 32 -16.53 13.31 11.22
C ALA A 32 -17.03 12.74 12.55
N GLU A 33 -18.27 12.33 12.64
CA GLU A 33 -18.86 11.75 13.84
C GLU A 33 -20.11 10.97 13.46
N GLY A 34 -20.28 9.78 14.03
CA GLY A 34 -21.47 8.98 13.69
C GLY A 34 -21.53 8.65 12.22
N CYS A 35 -22.56 9.09 11.49
CA CYS A 35 -22.62 8.72 10.06
C CYS A 35 -22.58 10.00 9.23
N GLU A 36 -22.09 11.06 9.86
CA GLU A 36 -21.95 12.37 9.28
C GLU A 36 -20.53 12.88 9.07
N LEU A 37 -20.31 13.58 7.97
CA LEU A 37 -19.04 14.29 7.72
C LEU A 37 -19.31 15.78 8.00
N ILE A 38 -18.53 16.44 8.83
CA ILE A 38 -18.79 17.86 9.10
C ILE A 38 -17.90 18.73 8.22
N LEU A 39 -18.48 19.70 7.52
CA LEU A 39 -17.68 20.51 6.59
C LEU A 39 -17.07 21.73 7.25
N SER A 40 -16.14 22.38 6.56
CA SER A 40 -15.52 23.59 7.09
C SER A 40 -16.50 24.69 7.49
N ASP A 41 -17.63 24.85 6.84
CA ASP A 41 -18.60 25.87 7.18
C ASP A 41 -19.58 25.48 8.29
N GLY A 42 -19.61 24.22 8.69
CA GLY A 42 -20.53 23.78 9.73
C GLY A 42 -21.56 22.77 9.23
N ARG A 43 -21.87 22.78 7.95
CA ARG A 43 -22.83 21.85 7.39
C ARG A 43 -22.49 20.40 7.68
N ARG A 44 -23.52 19.61 7.97
CA ARG A 44 -23.28 18.18 8.24
C ARG A 44 -23.80 17.37 7.06
N LEU A 45 -23.16 16.27 6.72
CA LEU A 45 -23.57 15.46 5.58
C LEU A 45 -23.70 13.98 5.98
N VAL A 46 -24.83 13.36 5.63
CA VAL A 46 -25.03 11.94 5.91
C VAL A 46 -24.13 11.19 4.93
N ASP A 47 -23.28 10.31 5.43
CA ASP A 47 -22.39 9.59 4.54
C ASP A 47 -23.04 8.34 3.99
N GLY A 48 -23.22 8.30 2.69
CA GLY A 48 -23.79 7.12 2.04
C GLY A 48 -22.75 6.20 1.42
N MET A 49 -21.48 6.59 1.50
CA MET A 49 -20.42 5.81 0.87
C MET A 49 -19.54 5.10 1.87
N SER A 50 -19.60 5.44 3.16
CA SER A 50 -18.70 4.81 4.11
C SER A 50 -17.21 5.03 3.80
N SER A 51 -16.88 6.17 3.21
CA SER A 51 -15.51 6.48 2.80
C SER A 51 -14.96 5.33 1.96
N TRP A 52 -15.62 5.19 0.81
CA TRP A 52 -15.29 4.11 -0.10
C TRP A 52 -15.26 2.79 0.67
N TRP A 53 -16.47 2.62 1.25
CA TRP A 53 -16.99 1.41 1.83
C TRP A 53 -16.23 0.76 2.97
N ALA A 54 -15.22 1.43 3.53
CA ALA A 54 -14.42 0.93 4.63
C ALA A 54 -15.07 1.25 5.97
N ALA A 55 -15.67 2.42 6.12
CA ALA A 55 -16.20 2.81 7.42
C ALA A 55 -17.55 2.19 7.76
N ILE A 56 -17.54 0.87 7.98
CA ILE A 56 -18.72 0.10 8.34
C ILE A 56 -19.30 0.48 9.70
N HIS A 57 -18.56 0.98 10.66
CA HIS A 57 -19.04 1.38 11.95
C HIS A 57 -19.19 2.91 12.05
N GLY A 58 -19.09 3.60 10.92
CA GLY A 58 -19.21 5.06 10.98
C GLY A 58 -17.86 5.63 11.44
N TYR A 59 -17.88 6.89 11.81
CA TYR A 59 -16.78 7.68 12.23
C TYR A 59 -16.78 8.06 13.71
N ASN A 60 -15.58 8.28 14.25
CA ASN A 60 -15.38 8.68 15.63
C ASN A 60 -16.05 7.72 16.60
N HIS A 61 -15.77 6.45 16.34
CA HIS A 61 -16.29 5.33 17.12
C HIS A 61 -15.42 5.15 18.34
N PRO A 62 -15.99 5.23 19.54
CA PRO A 62 -15.26 5.15 20.78
C PRO A 62 -14.41 3.90 20.98
N GLN A 63 -14.89 2.77 20.48
CA GLN A 63 -14.13 1.53 20.61
C GLN A 63 -12.88 1.62 19.73
N LEU A 64 -13.04 2.11 18.52
CA LEU A 64 -11.94 2.27 17.59
C LEU A 64 -10.95 3.32 18.10
N ASN A 65 -11.47 4.47 18.51
CA ASN A 65 -10.62 5.54 19.02
C ASN A 65 -9.77 5.06 20.18
N ALA A 66 -10.33 4.31 21.12
CA ALA A 66 -9.62 3.78 22.27
C ALA A 66 -8.51 2.80 21.90
N ALA A 67 -8.85 1.88 20.98
CA ALA A 67 -7.88 0.88 20.55
C ALA A 67 -6.65 1.58 19.99
N MET A 68 -6.86 2.42 18.98
CA MET A 68 -5.79 3.19 18.38
C MET A 68 -4.95 3.93 19.41
N LYS A 69 -5.57 4.69 20.31
CA LYS A 69 -4.88 5.43 21.34
C LYS A 69 -4.10 4.54 22.29
N SER A 70 -4.66 3.39 22.64
CA SER A 70 -3.94 2.49 23.53
C SER A 70 -2.64 2.03 22.91
N GLN A 71 -2.76 1.59 21.67
CA GLN A 71 -1.63 1.04 20.92
C GLN A 71 -0.57 2.11 20.70
N ILE A 72 -0.99 3.34 20.39
CA ILE A 72 -0.02 4.43 20.25
C ILE A 72 0.78 4.56 21.55
N ASP A 73 0.17 4.37 22.69
CA ASP A 73 0.82 4.42 23.98
C ASP A 73 1.88 3.34 24.13
N ALA A 74 1.73 2.20 23.47
CA ALA A 74 2.71 1.14 23.51
C ALA A 74 3.73 1.31 22.39
N MET A 75 3.26 1.52 21.17
CA MET A 75 4.07 1.69 19.99
C MET A 75 3.20 1.72 18.74
N SER A 76 3.22 2.73 17.88
CA SER A 76 2.39 2.67 16.68
C SER A 76 2.96 1.62 15.71
N HIS A 77 4.28 1.55 15.71
CA HIS A 77 4.95 0.66 14.79
C HIS A 77 6.30 0.12 15.26
N VAL A 78 6.62 -1.06 14.75
CA VAL A 78 7.87 -1.77 14.91
C VAL A 78 7.96 -2.68 13.67
N MET A 79 9.16 -3.02 13.22
CA MET A 79 9.24 -3.87 12.02
C MET A 79 8.74 -5.27 12.33
N PHE A 80 8.47 -6.06 11.29
CA PHE A 80 7.96 -7.43 11.48
C PHE A 80 8.97 -8.48 11.07
N GLY A 81 10.13 -8.03 10.58
CA GLY A 81 11.21 -8.93 10.19
C GLY A 81 11.92 -9.38 11.47
N GLY A 82 11.66 -10.63 11.84
CA GLY A 82 12.24 -11.27 13.00
C GLY A 82 11.67 -10.77 14.31
N ILE A 83 10.53 -10.10 14.25
CA ILE A 83 9.82 -9.56 15.39
C ILE A 83 8.32 -9.86 15.23
N THR A 84 7.61 -10.07 16.33
CA THR A 84 6.18 -10.24 16.31
C THR A 84 5.56 -9.54 17.53
N HIS A 85 4.25 -9.30 17.49
CA HIS A 85 3.58 -8.60 18.58
C HIS A 85 2.11 -8.97 18.76
N ALA A 86 1.55 -8.56 19.90
CA ALA A 86 0.19 -8.83 20.30
C ALA A 86 -0.88 -8.47 19.29
N PRO A 87 -0.95 -7.24 18.80
CA PRO A 87 -1.91 -6.81 17.83
C PRO A 87 -2.01 -7.67 16.57
N ALA A 88 -0.88 -8.07 16.01
CA ALA A 88 -0.86 -8.87 14.80
C ALA A 88 -1.33 -10.29 15.09
N ILE A 89 -0.94 -10.81 16.25
CA ILE A 89 -1.28 -12.18 16.63
C ILE A 89 -2.80 -12.29 16.81
N GLU A 90 -3.33 -11.33 17.55
CA GLU A 90 -4.72 -11.18 17.82
C GLU A 90 -5.55 -11.16 16.54
N LEU A 91 -5.17 -10.23 15.67
CA LEU A 91 -5.76 -10.07 14.36
C LEU A 91 -5.65 -11.34 13.53
N CYS A 92 -4.50 -12.00 13.48
CA CYS A 92 -4.41 -13.25 12.70
C CYS A 92 -5.24 -14.36 13.33
N ARG A 93 -5.41 -14.38 14.64
CA ARG A 93 -6.25 -15.34 15.32
C ARG A 93 -7.71 -15.17 14.88
N LYS A 94 -8.16 -13.91 14.90
CA LYS A 94 -9.50 -13.57 14.46
C LYS A 94 -9.69 -13.89 12.98
N LEU A 95 -8.75 -13.49 12.12
CA LEU A 95 -8.86 -13.76 10.70
C LEU A 95 -8.91 -15.24 10.35
N VAL A 96 -8.09 -16.07 10.97
CA VAL A 96 -8.10 -17.51 10.75
C VAL A 96 -9.44 -18.13 11.18
N ALA A 97 -9.93 -17.81 12.37
CA ALA A 97 -11.15 -18.25 12.98
C ALA A 97 -12.45 -17.79 12.31
N MET A 98 -12.48 -16.62 11.70
CA MET A 98 -13.70 -16.17 11.05
C MET A 98 -13.77 -16.54 9.57
N THR A 99 -12.76 -17.18 9.00
CA THR A 99 -12.76 -17.57 7.58
C THR A 99 -12.84 -19.07 7.42
N PRO A 100 -13.17 -19.55 6.24
CA PRO A 100 -13.29 -20.99 6.01
C PRO A 100 -12.07 -21.69 6.57
N GLN A 101 -12.26 -22.92 7.07
CA GLN A 101 -11.23 -23.71 7.70
C GLN A 101 -9.92 -23.84 6.95
N PRO A 102 -9.89 -24.17 5.67
CA PRO A 102 -8.67 -24.26 4.91
C PRO A 102 -7.75 -23.05 5.03
N LEU A 103 -8.30 -21.85 5.16
CA LEU A 103 -7.50 -20.64 5.21
C LEU A 103 -6.85 -20.38 6.56
N GLU A 104 -5.64 -20.87 6.78
CA GLU A 104 -5.03 -20.64 8.07
C GLU A 104 -3.67 -20.00 8.02
N CYS A 105 -3.23 -19.51 6.88
CA CYS A 105 -1.92 -18.84 6.81
C CYS A 105 -2.09 -17.39 6.47
N VAL A 106 -1.70 -16.43 7.32
CA VAL A 106 -1.97 -15.03 7.03
C VAL A 106 -0.77 -14.15 6.68
N PHE A 107 -0.83 -13.49 5.51
CA PHE A 107 0.21 -12.56 5.11
C PHE A 107 -0.38 -11.14 5.11
N LEU A 108 -0.07 -10.40 6.17
CA LEU A 108 -0.50 -9.03 6.36
C LEU A 108 0.18 -8.11 5.36
N ALA A 109 -0.58 -7.16 4.82
CA ALA A 109 -0.04 -6.20 3.86
C ALA A 109 -0.59 -4.82 4.14
N ASP A 110 -0.33 -3.83 3.31
CA ASP A 110 -0.75 -2.47 3.66
C ASP A 110 -1.94 -1.95 2.89
N SER A 111 -2.22 -2.41 1.67
CA SER A 111 -3.35 -1.89 0.92
C SER A 111 -3.97 -2.97 0.06
N GLY A 112 -5.19 -2.76 -0.41
CA GLY A 112 -5.93 -3.68 -1.23
C GLY A 112 -5.19 -4.23 -2.42
N SER A 113 -4.68 -3.35 -3.29
CA SER A 113 -3.92 -3.79 -4.46
C SER A 113 -2.71 -4.62 -4.01
N VAL A 114 -2.01 -4.24 -2.94
CA VAL A 114 -0.87 -5.10 -2.57
C VAL A 114 -1.38 -6.50 -2.21
N ALA A 115 -2.48 -6.59 -1.46
CA ALA A 115 -3.11 -7.86 -1.15
C ALA A 115 -3.39 -8.68 -2.41
N VAL A 116 -3.87 -8.09 -3.48
CA VAL A 116 -4.09 -8.81 -4.73
C VAL A 116 -2.77 -9.26 -5.33
N GLU A 117 -1.78 -8.35 -5.37
CA GLU A 117 -0.46 -8.61 -5.93
C GLU A 117 0.22 -9.77 -5.20
N VAL A 118 0.07 -9.77 -3.88
CA VAL A 118 0.59 -10.87 -3.07
C VAL A 118 -0.11 -12.15 -3.48
N ALA A 119 -1.45 -12.13 -3.62
CA ALA A 119 -2.18 -13.34 -4.00
C ALA A 119 -1.67 -13.84 -5.34
N MET A 120 -1.61 -12.94 -6.31
CA MET A 120 -1.07 -13.29 -7.61
C MET A 120 0.30 -13.93 -7.43
N LYS A 121 1.20 -13.28 -6.68
CA LYS A 121 2.54 -13.82 -6.47
C LYS A 121 2.49 -15.21 -5.84
N MET A 122 1.66 -15.44 -4.85
CA MET A 122 1.50 -16.79 -4.30
C MET A 122 1.09 -17.78 -5.38
N ALA A 123 0.08 -17.42 -6.18
CA ALA A 123 -0.36 -18.27 -7.25
C ALA A 123 0.84 -18.66 -8.12
N LEU A 124 1.61 -17.68 -8.57
CA LEU A 124 2.73 -17.98 -9.47
C LEU A 124 3.86 -18.75 -8.79
N GLN A 125 4.23 -18.40 -7.56
CA GLN A 125 5.29 -19.17 -6.92
C GLN A 125 4.85 -20.62 -6.68
N TYR A 126 3.59 -20.80 -6.35
CA TYR A 126 3.02 -22.12 -6.16
C TYR A 126 3.37 -23.09 -7.28
N TRP A 127 3.04 -22.73 -8.53
CA TRP A 127 3.30 -23.59 -9.68
C TRP A 127 4.77 -23.78 -10.03
N GLN A 128 5.54 -22.71 -9.89
CA GLN A 128 6.98 -22.71 -10.11
C GLN A 128 7.64 -23.72 -9.17
N ALA A 129 7.18 -23.74 -7.92
CA ALA A 129 7.66 -24.67 -6.91
C ALA A 129 7.37 -26.11 -7.32
N LYS A 130 6.28 -26.36 -8.04
CA LYS A 130 5.94 -27.70 -8.47
C LYS A 130 6.50 -28.02 -9.86
N GLY A 131 7.25 -27.09 -10.43
CA GLY A 131 7.84 -27.24 -11.73
C GLY A 131 6.92 -26.88 -12.88
N GLU A 132 5.65 -26.60 -12.64
CA GLU A 132 4.76 -26.27 -13.75
C GLU A 132 4.94 -24.79 -14.11
N ALA A 133 4.77 -24.57 -15.41
CA ALA A 133 4.86 -23.23 -15.99
C ALA A 133 3.42 -22.76 -16.23
N ARG A 134 2.86 -22.17 -15.18
CA ARG A 134 1.50 -21.64 -15.23
C ARG A 134 1.63 -20.15 -14.91
N GLN A 135 1.29 -19.30 -15.89
CA GLN A 135 1.47 -17.86 -15.71
C GLN A 135 0.28 -16.97 -15.97
N ARG A 136 -0.81 -17.53 -16.51
CA ARG A 136 -1.94 -16.67 -16.81
C ARG A 136 -2.97 -16.79 -15.70
N PHE A 137 -3.81 -15.78 -15.64
CA PHE A 137 -4.91 -15.72 -14.69
C PHE A 137 -6.22 -15.72 -15.46
N LEU A 138 -7.19 -16.48 -14.97
CA LEU A 138 -8.50 -16.46 -15.62
C LEU A 138 -9.40 -15.61 -14.72
N THR A 139 -9.86 -14.49 -15.22
CA THR A 139 -10.76 -13.65 -14.43
C THR A 139 -12.01 -13.40 -15.28
N PHE A 140 -12.86 -12.52 -14.84
CA PHE A 140 -14.12 -12.20 -15.48
C PHE A 140 -14.24 -10.77 -16.02
N ARG A 141 -15.07 -10.59 -17.05
CA ARG A 141 -15.29 -9.20 -17.49
C ARG A 141 -15.98 -8.49 -16.32
N ASN A 142 -15.77 -7.18 -16.26
CA ASN A 142 -16.30 -6.31 -15.23
C ASN A 142 -15.64 -6.48 -13.87
N GLY A 143 -14.51 -7.18 -13.77
CA GLY A 143 -13.85 -7.34 -12.50
C GLY A 143 -12.93 -6.12 -12.28
N TYR A 144 -12.78 -5.76 -11.03
CA TYR A 144 -11.91 -4.71 -10.56
C TYR A 144 -11.08 -5.25 -9.39
N HIS A 145 -9.77 -5.16 -9.50
CA HIS A 145 -8.88 -5.69 -8.48
C HIS A 145 -7.83 -4.69 -8.01
N GLY A 146 -7.98 -3.40 -8.33
CA GLY A 146 -7.02 -2.43 -7.82
C GLY A 146 -6.22 -1.75 -8.89
N ASP A 147 -5.33 -0.81 -8.50
CA ASP A 147 -4.64 -0.04 -9.54
C ASP A 147 -3.18 -0.32 -9.77
N THR A 148 -2.49 -1.08 -8.94
CA THR A 148 -1.08 -1.34 -9.24
C THR A 148 -1.09 -2.21 -10.49
N PHE A 149 0.07 -2.29 -11.13
CA PHE A 149 0.26 -3.10 -12.32
C PHE A 149 -0.27 -4.51 -12.38
N GLY A 150 0.07 -5.33 -11.38
CA GLY A 150 -0.42 -6.72 -11.38
C GLY A 150 -1.94 -6.67 -11.37
N ALA A 151 -2.49 -5.91 -10.43
CA ALA A 151 -3.94 -5.75 -10.32
C ALA A 151 -4.52 -5.25 -11.64
N MET A 152 -3.93 -4.23 -12.24
CA MET A 152 -4.39 -3.77 -13.54
C MET A 152 -4.33 -4.93 -14.52
N SER A 153 -3.40 -5.85 -14.62
CA SER A 153 -3.51 -6.95 -15.58
C SER A 153 -4.71 -7.88 -15.40
N VAL A 154 -5.49 -7.86 -14.31
CA VAL A 154 -6.67 -8.67 -14.16
C VAL A 154 -7.95 -7.87 -14.10
N CYS A 155 -7.86 -6.54 -14.27
CA CYS A 155 -9.08 -5.72 -14.27
C CYS A 155 -9.78 -5.84 -15.62
N ASP A 156 -11.01 -5.41 -15.81
CA ASP A 156 -11.57 -5.53 -17.16
C ASP A 156 -10.81 -4.61 -18.09
N PRO A 157 -10.45 -5.11 -19.27
CA PRO A 157 -9.80 -4.30 -20.27
C PRO A 157 -10.57 -3.04 -20.64
N ASP A 158 -11.87 -2.89 -20.40
CA ASP A 158 -12.54 -1.64 -20.74
C ASP A 158 -12.58 -0.71 -19.54
N ASN A 159 -13.35 -1.09 -18.53
CA ASN A 159 -13.41 -0.28 -17.32
C ASN A 159 -12.13 0.40 -16.96
N LEU A 169 1.62 -4.47 -20.16
CA LEU A 169 0.66 -5.31 -19.47
C LEU A 169 0.41 -6.69 -20.03
N PRO A 170 0.82 -7.74 -19.33
CA PRO A 170 0.63 -9.13 -19.73
C PRO A 170 -0.81 -9.59 -19.83
N GLU A 171 -1.18 -10.29 -20.90
CA GLU A 171 -2.49 -10.77 -21.25
C GLU A 171 -3.11 -11.91 -20.44
N ASN A 172 -4.25 -11.67 -19.79
CA ASN A 172 -4.90 -12.75 -19.04
C ASN A 172 -6.21 -13.12 -19.73
N LEU A 173 -6.87 -14.18 -19.30
CA LEU A 173 -8.10 -14.65 -19.94
C LEU A 173 -9.30 -13.98 -19.32
N PHE A 174 -10.22 -13.53 -20.16
CA PHE A 174 -11.38 -12.81 -19.65
C PHE A 174 -12.69 -13.47 -20.02
N ALA A 175 -13.31 -14.12 -19.04
CA ALA A 175 -14.58 -14.78 -19.26
C ALA A 175 -15.71 -13.77 -19.15
N PRO A 176 -16.83 -14.11 -19.75
CA PRO A 176 -18.02 -13.27 -19.75
C PRO A 176 -18.48 -12.83 -18.38
N ALA A 177 -19.03 -11.61 -18.25
CA ALA A 177 -19.50 -11.18 -16.93
C ALA A 177 -20.59 -12.17 -16.53
N PRO A 178 -20.61 -12.57 -15.27
CA PRO A 178 -21.65 -13.49 -14.83
C PRO A 178 -22.98 -12.80 -15.11
N GLN A 179 -23.85 -13.42 -15.90
CA GLN A 179 -25.15 -12.82 -16.23
C GLN A 179 -26.23 -13.12 -15.19
N SER A 180 -26.18 -14.34 -14.65
CA SER A 180 -27.24 -14.74 -13.73
C SER A 180 -27.16 -13.93 -12.45
N ARG A 181 -28.22 -13.18 -12.20
CA ARG A 181 -28.39 -12.31 -11.06
C ARG A 181 -28.68 -13.07 -9.76
N MET A 182 -28.46 -12.35 -8.66
CA MET A 182 -28.68 -12.85 -7.32
C MET A 182 -30.05 -12.44 -6.80
N GLY A 184 -32.67 -14.50 -8.53
CA GLY A 184 -32.61 -14.55 -10.00
C GLY A 184 -32.42 -16.00 -10.41
N GLU A 185 -32.86 -16.34 -11.62
CA GLU A 185 -32.77 -17.70 -12.11
C GLU A 185 -31.39 -18.06 -12.63
N TRP A 186 -31.02 -19.34 -12.46
CA TRP A 186 -29.71 -19.78 -12.94
C TRP A 186 -29.92 -20.46 -14.29
N ASP A 187 -29.24 -19.85 -15.26
CA ASP A 187 -29.23 -20.30 -16.64
C ASP A 187 -27.85 -20.88 -16.90
N GLU A 188 -27.85 -22.15 -17.28
CA GLU A 188 -26.68 -22.95 -17.59
C GLU A 188 -25.92 -22.48 -18.82
N ARG A 189 -26.58 -21.67 -19.62
CA ARG A 189 -26.04 -21.08 -20.83
C ARG A 189 -24.96 -20.07 -20.47
N ASP A 190 -25.14 -19.37 -19.36
CA ASP A 190 -24.20 -18.42 -18.81
C ASP A 190 -22.81 -19.04 -18.64
N MET A 191 -22.65 -20.33 -18.45
CA MET A 191 -21.46 -21.10 -18.25
C MET A 191 -20.53 -21.33 -19.43
N VAL A 192 -21.04 -21.47 -20.64
CA VAL A 192 -20.24 -21.76 -21.82
C VAL A 192 -18.94 -20.99 -21.95
N GLY A 193 -19.05 -19.66 -22.02
CA GLY A 193 -17.86 -18.82 -22.20
C GLY A 193 -16.72 -19.25 -21.30
N PHE A 194 -16.99 -19.35 -20.01
CA PHE A 194 -15.97 -19.69 -19.03
C PHE A 194 -15.37 -21.06 -19.26
N ALA A 195 -16.21 -22.08 -19.38
CA ALA A 195 -15.79 -23.46 -19.58
C ALA A 195 -14.94 -23.61 -20.83
N ARG A 196 -15.31 -22.89 -21.89
CA ARG A 196 -14.54 -22.91 -23.13
C ARG A 196 -13.13 -22.40 -22.90
N LEU A 197 -12.95 -21.26 -22.24
CA LEU A 197 -11.63 -20.69 -21.96
C LEU A 197 -10.75 -21.59 -21.10
N MET A 198 -11.34 -22.31 -20.17
CA MET A 198 -10.70 -23.22 -19.25
C MET A 198 -10.21 -24.46 -19.99
N ALA A 199 -11.04 -24.88 -20.93
CA ALA A 199 -10.75 -26.04 -21.77
C ALA A 199 -9.48 -25.75 -22.56
N ALA A 200 -9.49 -24.62 -23.24
CA ALA A 200 -8.38 -24.17 -24.05
C ALA A 200 -7.10 -23.86 -23.31
N HIS A 201 -7.16 -23.37 -22.07
CA HIS A 201 -5.98 -22.95 -21.34
C HIS A 201 -5.72 -23.59 -19.98
N ARG A 202 -6.48 -24.56 -19.53
CA ARG A 202 -6.32 -25.20 -18.24
C ARG A 202 -4.93 -25.35 -17.63
N HIS A 203 -3.92 -25.70 -18.39
CA HIS A 203 -2.55 -25.91 -18.04
C HIS A 203 -1.68 -24.66 -18.11
N GLU A 204 -2.24 -23.56 -18.58
CA GLU A 204 -1.56 -22.28 -18.60
C GLU A 204 -2.00 -21.48 -17.35
N ILE A 205 -3.20 -21.80 -16.89
CA ILE A 205 -3.82 -21.10 -15.79
C ILE A 205 -3.25 -21.45 -14.43
N ALA A 206 -2.72 -20.40 -13.78
CA ALA A 206 -2.16 -20.52 -12.44
C ALA A 206 -3.29 -20.37 -11.43
N ALA A 207 -4.17 -19.41 -11.70
CA ALA A 207 -5.29 -19.20 -10.79
C ALA A 207 -6.47 -18.56 -11.51
N VAL A 208 -7.61 -18.70 -10.83
CA VAL A 208 -8.85 -18.06 -11.24
C VAL A 208 -8.99 -16.91 -10.23
N ILE A 209 -9.21 -15.68 -10.64
CA ILE A 209 -9.40 -14.66 -9.61
C ILE A 209 -10.70 -13.91 -9.87
N ILE A 210 -11.61 -13.75 -8.89
CA ILE A 210 -12.86 -13.05 -9.08
C ILE A 210 -13.33 -12.33 -7.82
N GLU A 211 -14.26 -11.39 -7.89
CA GLU A 211 -14.85 -10.83 -6.68
C GLU A 211 -16.08 -11.71 -6.45
N PRO A 212 -16.28 -12.30 -5.29
CA PRO A 212 -17.42 -13.17 -5.05
C PRO A 212 -18.76 -12.47 -5.09
N ILE A 213 -19.74 -12.98 -5.84
CA ILE A 213 -21.08 -12.43 -5.86
C ILE A 213 -21.24 -10.99 -6.31
N VAL A 214 -20.61 -10.01 -5.68
CA VAL A 214 -20.71 -8.62 -6.07
C VAL A 214 -19.43 -8.11 -6.75
N GLN A 215 -19.62 -7.73 -8.01
CA GLN A 215 -18.56 -7.14 -8.82
C GLN A 215 -18.74 -5.62 -8.65
N GLY A 216 -17.99 -5.05 -7.72
CA GLY A 216 -18.02 -3.68 -7.34
C GLY A 216 -17.77 -2.56 -8.31
N ALA A 217 -16.55 -2.05 -8.35
CA ALA A 217 -16.17 -0.90 -9.19
C ALA A 217 -16.37 -1.16 -10.66
N GLY A 218 -16.35 -2.40 -11.10
CA GLY A 218 -16.58 -2.80 -12.47
C GLY A 218 -18.04 -2.79 -12.89
N GLY A 219 -18.95 -2.30 -12.07
CA GLY A 219 -20.34 -2.20 -12.34
C GLY A 219 -21.34 -2.45 -11.24
N MET A 220 -20.98 -2.73 -10.00
CA MET A 220 -21.95 -3.03 -8.95
C MET A 220 -22.95 -4.12 -9.38
N ARG A 221 -22.40 -5.18 -9.96
CA ARG A 221 -23.11 -6.31 -10.50
C ARG A 221 -23.26 -7.45 -9.51
N MET A 222 -24.51 -7.88 -9.32
CA MET A 222 -24.87 -8.95 -8.40
C MET A 222 -25.21 -10.23 -9.15
N TYR A 223 -24.35 -11.23 -9.01
CA TYR A 223 -24.56 -12.48 -9.73
C TYR A 223 -24.87 -13.61 -8.77
N HIS A 224 -25.40 -14.65 -9.38
CA HIS A 224 -25.86 -15.87 -8.79
C HIS A 224 -24.79 -16.70 -8.12
N PRO A 225 -25.01 -17.12 -6.88
CA PRO A 225 -24.07 -17.91 -6.11
C PRO A 225 -23.66 -19.24 -6.71
N GLU A 226 -24.44 -19.83 -7.63
CA GLU A 226 -24.11 -21.08 -8.27
C GLU A 226 -22.80 -20.99 -9.02
N TRP A 227 -22.46 -19.84 -9.57
CA TRP A 227 -21.21 -19.56 -10.23
C TRP A 227 -19.99 -19.92 -9.39
N LEU A 228 -20.02 -19.52 -8.12
CA LEU A 228 -18.92 -19.82 -7.22
C LEU A 228 -18.87 -21.33 -6.99
N LYS A 229 -20.06 -21.93 -6.89
CA LYS A 229 -20.10 -23.39 -6.72
C LYS A 229 -19.40 -24.03 -7.91
N ARG A 230 -19.84 -23.67 -9.12
CA ARG A 230 -19.23 -24.23 -10.32
C ARG A 230 -17.74 -23.90 -10.40
N ILE A 231 -17.36 -22.63 -10.36
CA ILE A 231 -15.95 -22.27 -10.46
C ILE A 231 -15.10 -23.06 -9.48
N ARG A 232 -15.53 -23.15 -8.22
CA ARG A 232 -14.80 -23.96 -7.25
C ARG A 232 -14.71 -25.40 -7.72
N LYS A 233 -15.77 -26.00 -8.24
CA LYS A 233 -15.70 -27.40 -8.67
C LYS A 233 -14.74 -27.54 -9.84
N ILE A 234 -14.80 -26.65 -10.83
CA ILE A 234 -13.85 -26.69 -11.94
C ILE A 234 -12.41 -26.53 -11.47
N CYS A 235 -12.16 -25.58 -10.59
CA CYS A 235 -10.84 -25.35 -10.03
C CYS A 235 -10.30 -26.62 -9.41
N ASP A 236 -11.08 -27.27 -8.55
CA ASP A 236 -10.69 -28.53 -7.95
C ASP A 236 -10.40 -29.59 -9.01
N ARG A 237 -11.27 -29.69 -10.01
CA ARG A 237 -11.12 -30.68 -11.07
C ARG A 237 -9.73 -30.57 -11.68
N GLU A 238 -9.40 -29.37 -12.14
CA GLU A 238 -8.16 -29.08 -12.83
C GLU A 238 -6.95 -28.86 -11.94
N GLY A 239 -7.11 -28.77 -10.64
CA GLY A 239 -5.99 -28.51 -9.74
C GLY A 239 -5.53 -27.06 -9.69
N ILE A 240 -6.31 -26.13 -10.21
CA ILE A 240 -6.04 -24.72 -10.27
C ILE A 240 -6.46 -23.98 -9.02
N LEU A 241 -5.76 -22.92 -8.60
CA LEU A 241 -6.15 -22.18 -7.41
C LEU A 241 -7.27 -21.17 -7.61
N LEU A 242 -8.05 -20.96 -6.55
CA LEU A 242 -9.14 -20.01 -6.56
C LEU A 242 -8.82 -18.83 -5.63
N ILE A 243 -8.70 -17.66 -6.26
CA ILE A 243 -8.48 -16.46 -5.46
C ILE A 243 -9.83 -15.72 -5.39
N ALA A 244 -10.21 -15.40 -4.15
CA ALA A 244 -11.44 -14.63 -3.97
C ALA A 244 -11.04 -13.25 -3.46
N ASP A 245 -11.44 -12.23 -4.23
CA ASP A 245 -11.07 -10.87 -3.87
C ASP A 245 -12.24 -10.26 -3.12
N GLU A 246 -12.19 -10.34 -1.79
CA GLU A 246 -13.28 -9.81 -0.97
C GLU A 246 -12.92 -8.49 -0.32
N ILE A 247 -12.00 -7.75 -0.89
CA ILE A 247 -11.67 -6.40 -0.39
C ILE A 247 -12.92 -5.52 -0.32
N ALA A 248 -13.85 -5.59 -1.27
CA ALA A 248 -15.09 -4.86 -1.19
C ALA A 248 -16.19 -5.61 -0.41
N THR A 249 -16.31 -6.91 -0.63
CA THR A 249 -17.40 -7.67 -0.06
C THR A 249 -17.23 -8.08 1.39
N GLY A 250 -16.02 -8.22 1.87
CA GLY A 250 -15.77 -8.69 3.20
C GLY A 250 -16.49 -7.97 4.32
N PHE A 251 -16.49 -8.61 5.48
CA PHE A 251 -17.01 -8.12 6.73
C PHE A 251 -18.45 -7.66 6.73
N GLY A 252 -19.36 -8.48 6.21
CA GLY A 252 -20.78 -8.23 6.27
C GLY A 252 -21.53 -7.42 5.24
N ARG A 253 -20.83 -6.75 4.33
CA ARG A 253 -21.43 -5.89 3.34
C ARG A 253 -22.61 -6.49 2.57
N THR A 254 -22.46 -7.72 2.08
CA THR A 254 -23.48 -8.36 1.28
C THR A 254 -24.52 -9.15 2.09
N GLY A 255 -24.48 -9.12 3.40
CA GLY A 255 -25.41 -9.88 4.21
C GLY A 255 -24.79 -11.05 4.95
N LYS A 256 -23.68 -11.57 4.46
CA LYS A 256 -22.93 -12.65 5.09
C LYS A 256 -21.58 -12.09 5.50
N LEU A 257 -20.87 -12.71 6.43
CA LEU A 257 -19.60 -12.14 6.90
C LEU A 257 -18.63 -12.03 5.72
N PHE A 258 -18.44 -13.12 4.99
CA PHE A 258 -17.65 -13.14 3.77
C PHE A 258 -18.64 -13.51 2.68
N ALA A 259 -18.58 -12.91 1.50
CA ALA A 259 -19.56 -13.17 0.45
C ALA A 259 -19.47 -14.55 -0.13
N CYS A 260 -18.41 -15.32 0.09
CA CYS A 260 -18.22 -16.67 -0.37
C CYS A 260 -19.17 -17.61 0.39
N GLU A 261 -19.62 -17.19 1.57
CA GLU A 261 -20.60 -17.91 2.34
C GLU A 261 -21.86 -18.17 1.52
N HIS A 262 -22.35 -17.19 0.74
CA HIS A 262 -23.50 -17.41 -0.11
C HIS A 262 -23.42 -18.69 -0.92
N ALA A 263 -22.22 -19.08 -1.40
CA ALA A 263 -22.08 -20.29 -2.20
C ALA A 263 -21.56 -21.47 -1.40
N GLU A 264 -21.33 -21.22 -0.12
CA GLU A 264 -20.79 -22.20 0.81
C GLU A 264 -19.50 -22.83 0.31
N ILE A 265 -18.56 -21.99 -0.09
CA ILE A 265 -17.28 -22.44 -0.61
C ILE A 265 -16.14 -21.61 -0.01
N ALA A 266 -14.95 -22.16 -0.16
CA ALA A 266 -13.71 -21.54 0.30
C ALA A 266 -12.77 -21.44 -0.89
N PRO A 267 -12.16 -20.28 -1.07
CA PRO A 267 -11.19 -20.09 -2.13
C PRO A 267 -9.86 -20.62 -1.66
N ASP A 268 -8.86 -20.73 -2.54
CA ASP A 268 -7.53 -21.15 -2.03
C ASP A 268 -6.84 -19.94 -1.38
N ILE A 269 -7.06 -18.75 -1.95
CA ILE A 269 -6.51 -17.49 -1.49
C ILE A 269 -7.64 -16.47 -1.33
N LEU A 270 -7.67 -15.76 -0.23
CA LEU A 270 -8.69 -14.78 0.06
C LEU A 270 -8.13 -13.39 0.27
N CYS A 271 -8.55 -12.36 -0.51
CA CYS A 271 -7.95 -11.06 -0.23
C CYS A 271 -8.93 -10.20 0.58
N LEU A 272 -8.37 -9.55 1.61
CA LEU A 272 -9.13 -8.64 2.44
C LEU A 272 -8.45 -7.28 2.58
N GLY A 273 -9.32 -6.33 2.87
CA GLY A 273 -8.89 -4.96 3.09
C GLY A 273 -10.06 -4.09 3.50
N LYS A 274 -10.09 -2.90 2.92
CA LYS A 274 -11.13 -1.88 3.14
C LYS A 274 -11.79 -1.87 4.49
N ALA A 275 -12.82 -2.67 4.74
CA ALA A 275 -13.52 -2.60 6.02
C ALA A 275 -12.80 -3.37 7.12
N LEU A 276 -11.64 -3.96 6.79
CA LEU A 276 -10.82 -4.70 7.73
C LEU A 276 -10.50 -3.88 8.97
N THR A 277 -10.20 -2.60 8.81
CA THR A 277 -9.82 -1.73 9.91
C THR A 277 -10.92 -0.82 10.42
N GLY A 278 -12.11 -0.93 9.83
CA GLY A 278 -13.23 -0.06 10.20
C GLY A 278 -13.10 1.28 9.49
N GLY A 279 -12.33 1.33 8.40
CA GLY A 279 -12.13 2.59 7.69
C GLY A 279 -11.40 3.61 8.55
N THR A 280 -10.53 3.15 9.45
CA THR A 280 -9.77 4.01 10.30
C THR A 280 -8.49 4.44 9.59
N MET A 281 -7.84 3.47 8.95
CA MET A 281 -6.58 3.67 8.25
C MET A 281 -6.31 2.47 7.38
N THR A 282 -5.36 2.48 6.48
CA THR A 282 -5.03 1.39 5.59
C THR A 282 -4.36 0.18 6.23
N LEU A 283 -4.77 -0.98 5.80
CA LEU A 283 -4.26 -2.28 6.22
C LEU A 283 -4.84 -3.32 5.27
N SER A 284 -4.23 -4.50 5.14
CA SER A 284 -4.80 -5.49 4.22
C SER A 284 -4.36 -6.90 4.54
N ALA A 285 -5.07 -7.90 4.01
CA ALA A 285 -4.68 -9.26 4.35
C ALA A 285 -5.07 -10.21 3.21
N THR A 286 -4.10 -11.09 3.00
CA THR A 286 -4.17 -12.15 2.03
C THR A 286 -4.01 -13.46 2.77
N LEU A 287 -5.08 -14.24 2.79
CA LEU A 287 -5.02 -15.53 3.45
C LEU A 287 -4.86 -16.62 2.40
N THR A 288 -4.18 -17.69 2.80
CA THR A 288 -4.10 -18.85 1.92
C THR A 288 -4.17 -20.08 2.82
N THR A 289 -4.00 -21.22 2.17
CA THR A 289 -3.95 -22.50 2.84
C THR A 289 -2.51 -22.92 3.10
N ARG A 290 -2.47 -23.97 3.94
CA ARG A 290 -1.21 -24.61 4.27
C ARG A 290 -0.55 -25.20 3.04
N GLU A 291 -1.28 -25.97 2.23
CA GLU A 291 -0.77 -26.51 0.97
C GLU A 291 -0.18 -25.37 0.13
N VAL A 292 -0.88 -24.24 0.01
CA VAL A 292 -0.29 -23.15 -0.76
C VAL A 292 0.93 -22.55 -0.07
N ALA A 293 0.91 -22.25 1.21
CA ALA A 293 2.01 -21.62 1.92
C ALA A 293 3.27 -22.49 2.01
N GLU A 294 3.07 -23.78 2.25
CA GLU A 294 4.17 -24.72 2.35
C GLU A 294 4.80 -24.98 0.99
N THR A 295 3.94 -25.12 -0.02
CA THR A 295 4.47 -25.37 -1.36
C THR A 295 5.39 -24.22 -1.70
N ILE A 296 4.90 -22.99 -1.62
CA ILE A 296 5.73 -21.82 -1.87
C ILE A 296 7.08 -21.92 -1.18
N SER A 297 7.08 -21.99 0.14
CA SER A 297 8.32 -22.13 0.90
C SER A 297 9.25 -23.18 0.33
N ASN A 298 8.79 -24.37 -0.02
CA ASN A 298 9.62 -25.44 -0.51
C ASN A 298 10.18 -25.44 -1.92
N GLY A 299 9.84 -24.50 -2.79
CA GLY A 299 10.44 -24.56 -4.14
C GLY A 299 11.93 -24.27 -3.98
N GLY A 302 12.81 -20.88 -1.59
CA GLY A 302 12.93 -21.16 -0.15
C GLY A 302 11.95 -20.22 0.56
N CYS A 303 11.53 -19.16 -0.13
CA CYS A 303 10.66 -18.23 0.54
C CYS A 303 9.67 -17.45 -0.32
N PHE A 304 8.94 -16.69 0.51
CA PHE A 304 7.94 -15.81 -0.07
C PHE A 304 8.53 -14.39 -0.03
N MET A 305 8.91 -14.05 -1.26
CA MET A 305 9.57 -12.83 -1.66
C MET A 305 8.74 -11.56 -1.58
N HIS A 306 8.30 -11.22 -0.37
CA HIS A 306 7.45 -10.04 -0.22
C HIS A 306 7.51 -9.54 1.21
N GLY A 307 7.61 -8.21 1.37
CA GLY A 307 7.70 -7.70 2.72
C GLY A 307 7.59 -6.20 2.81
N PRO A 308 6.37 -5.64 2.76
CA PRO A 308 6.18 -4.22 2.89
C PRO A 308 6.87 -3.69 4.16
N THR A 309 7.37 -2.47 4.07
CA THR A 309 8.06 -1.81 5.16
C THR A 309 7.21 -1.80 6.42
N PHE A 310 5.94 -1.41 6.30
CA PHE A 310 5.10 -1.35 7.50
C PHE A 310 4.21 -2.55 7.70
N MET A 311 4.58 -3.68 7.13
CA MET A 311 3.86 -4.92 7.35
C MET A 311 3.56 -5.24 8.82
N GLY A 312 2.32 -5.63 9.13
CA GLY A 312 1.89 -6.02 10.45
C GLY A 312 1.78 -4.89 11.44
N ASN A 313 1.95 -3.66 10.97
CA ASN A 313 1.93 -2.46 11.76
C ASN A 313 1.09 -2.58 13.01
N PRO A 314 1.70 -2.46 14.17
CA PRO A 314 0.97 -2.47 15.42
C PRO A 314 -0.25 -1.57 15.41
N LEU A 315 -0.18 -0.29 15.06
CA LEU A 315 -1.36 0.57 15.13
C LEU A 315 -2.54 0.16 14.26
N ALA A 316 -2.32 -0.18 13.01
CA ALA A 316 -3.39 -0.63 12.12
C ALA A 316 -3.96 -1.97 12.57
N CYS A 317 -3.16 -2.91 13.04
CA CYS A 317 -3.67 -4.18 13.50
C CYS A 317 -4.64 -4.02 14.69
N ALA A 318 -4.28 -3.14 15.62
CA ALA A 318 -5.14 -2.86 16.77
C ALA A 318 -6.47 -2.26 16.33
N ALA A 319 -6.47 -1.37 15.33
CA ALA A 319 -7.73 -0.75 14.91
C ALA A 319 -8.61 -1.86 14.34
N ALA A 320 -8.04 -2.64 13.42
CA ALA A 320 -8.71 -3.79 12.85
C ALA A 320 -9.16 -4.73 13.96
N ASN A 321 -8.35 -4.99 15.00
CA ASN A 321 -8.82 -5.84 16.07
C ASN A 321 -10.10 -5.25 16.68
N ALA A 322 -10.08 -3.92 16.94
CA ALA A 322 -11.27 -3.31 17.52
C ALA A 322 -12.47 -3.39 16.59
N SER A 323 -12.29 -3.29 15.28
CA SER A 323 -13.36 -3.37 14.32
C SER A 323 -13.90 -4.79 14.20
N LEU A 324 -13.04 -5.79 14.32
CA LEU A 324 -13.47 -7.18 14.25
C LEU A 324 -14.22 -7.57 15.51
N ALA A 325 -13.85 -7.00 16.63
CA ALA A 325 -14.50 -7.19 17.91
C ALA A 325 -15.92 -6.63 17.89
N ILE A 326 -16.14 -5.46 17.27
CA ILE A 326 -17.46 -4.90 17.13
C ILE A 326 -18.36 -5.88 16.35
N LEU A 327 -17.79 -6.46 15.29
CA LEU A 327 -18.54 -7.44 14.53
C LEU A 327 -18.77 -8.71 15.37
N GLU A 328 -18.01 -9.00 16.40
CA GLU A 328 -18.22 -10.21 17.17
C GLU A 328 -19.57 -10.20 17.88
N SER A 329 -20.13 -9.05 18.24
CA SER A 329 -21.43 -8.95 18.87
C SER A 329 -22.54 -9.57 18.03
N GLY A 330 -22.42 -9.57 16.71
CA GLY A 330 -23.35 -10.18 15.80
C GLY A 330 -24.35 -9.17 15.24
N ASP A 331 -24.44 -8.01 15.87
CA ASP A 331 -25.38 -6.95 15.53
C ASP A 331 -25.43 -6.54 14.07
N TRP A 332 -24.37 -6.70 13.29
CA TRP A 332 -24.37 -6.31 11.89
C TRP A 332 -25.38 -7.08 11.04
N GLN A 333 -25.70 -8.33 11.39
CA GLN A 333 -26.68 -9.09 10.60
C GLN A 333 -28.05 -8.43 10.57
N GLN A 334 -28.63 -8.17 11.75
CA GLN A 334 -29.92 -7.51 11.77
C GLN A 334 -29.79 -6.14 11.11
N GLN A 335 -28.70 -5.43 11.39
CA GLN A 335 -28.46 -4.14 10.79
C GLN A 335 -28.38 -4.19 9.27
N VAL A 336 -27.61 -5.10 8.70
CA VAL A 336 -27.53 -5.19 7.25
C VAL A 336 -28.85 -5.71 6.71
N ALA A 337 -29.56 -6.61 7.38
CA ALA A 337 -30.86 -7.12 6.95
C ALA A 337 -31.89 -6.01 6.82
N ASP A 338 -31.96 -5.14 7.81
CA ASP A 338 -32.88 -4.01 7.77
C ASP A 338 -32.46 -2.95 6.77
N ILE A 339 -31.14 -2.80 6.55
CA ILE A 339 -30.71 -1.80 5.56
C ILE A 339 -31.12 -2.35 4.19
N GLU A 340 -30.97 -3.64 3.99
CA GLU A 340 -31.35 -4.26 2.72
C GLU A 340 -32.83 -4.06 2.41
N VAL A 341 -33.66 -4.36 3.41
CA VAL A 341 -35.10 -4.18 3.28
C VAL A 341 -35.37 -2.71 2.93
N GLN A 342 -34.85 -1.79 3.71
CA GLN A 342 -35.08 -0.37 3.53
C GLN A 342 -34.59 0.22 2.22
N LEU A 343 -33.54 -0.30 1.60
CA LEU A 343 -33.06 0.19 0.33
C LEU A 343 -33.97 -0.28 -0.81
N ARG A 344 -34.49 -1.49 -0.62
CA ARG A 344 -35.39 -2.12 -1.56
C ARG A 344 -36.70 -1.33 -1.65
N GLU A 345 -37.24 -0.99 -0.49
CA GLU A 345 -38.48 -0.23 -0.38
C GLU A 345 -38.28 1.16 -0.98
N GLN A 346 -37.25 1.86 -0.46
CA GLN A 346 -37.06 3.24 -0.89
C GLN A 346 -36.47 3.50 -2.25
N LEU A 347 -35.87 2.53 -2.93
CA LEU A 347 -35.36 2.83 -4.26
C LEU A 347 -36.31 2.31 -5.32
N ALA A 348 -37.31 1.53 -4.91
CA ALA A 348 -38.32 0.97 -5.81
C ALA A 348 -38.90 1.98 -6.79
N PRO A 349 -39.36 3.15 -6.32
CA PRO A 349 -39.85 4.22 -7.15
C PRO A 349 -38.92 4.67 -8.25
N ALA A 350 -37.60 4.55 -8.04
CA ALA A 350 -36.57 4.86 -9.03
C ALA A 350 -36.75 3.99 -10.27
N ARG A 351 -37.43 2.86 -10.16
CA ARG A 351 -37.83 2.05 -11.29
C ARG A 351 -38.86 2.78 -12.15
N ASP A 352 -39.43 3.91 -11.75
CA ASP A 352 -40.33 4.67 -12.59
C ASP A 352 -39.68 5.90 -13.21
N ALA A 353 -38.48 6.28 -12.81
CA ALA A 353 -37.82 7.47 -13.37
C ALA A 353 -37.26 7.21 -14.77
N GLU A 354 -37.26 8.24 -15.62
CA GLU A 354 -36.73 8.05 -16.96
C GLU A 354 -35.22 7.94 -17.06
N MET A 355 -34.41 8.37 -16.09
CA MET A 355 -32.97 8.20 -16.24
C MET A 355 -32.49 6.83 -15.78
N VAL A 356 -33.36 6.08 -15.12
CA VAL A 356 -33.01 4.81 -14.54
C VAL A 356 -33.10 3.63 -15.51
N ALA A 357 -32.10 2.76 -15.39
CA ALA A 357 -31.96 1.56 -16.20
C ALA A 357 -32.22 0.28 -15.41
N ASP A 358 -31.94 0.29 -14.11
CA ASP A 358 -32.13 -0.87 -13.27
C ASP A 358 -31.94 -0.54 -11.80
N VAL A 359 -32.61 -1.27 -10.92
CA VAL A 359 -32.47 -1.09 -9.47
C VAL A 359 -32.11 -2.46 -8.89
N ARG A 360 -30.99 -2.51 -8.21
CA ARG A 360 -30.53 -3.76 -7.61
C ARG A 360 -30.00 -3.38 -6.23
N VAL A 361 -30.35 -4.25 -5.28
CA VAL A 361 -30.02 -4.09 -3.89
C VAL A 361 -29.58 -5.43 -3.33
N LEU A 362 -28.61 -5.43 -2.42
CA LEU A 362 -28.11 -6.61 -1.75
C LEU A 362 -27.40 -6.22 -0.45
N GLY A 363 -27.83 -6.78 0.67
CA GLY A 363 -27.22 -6.44 1.96
C GLY A 363 -27.25 -4.91 2.09
N ALA A 364 -26.11 -4.30 2.41
CA ALA A 364 -26.08 -2.84 2.52
C ALA A 364 -25.48 -2.22 1.27
N ILE A 365 -25.83 -2.74 0.11
CA ILE A 365 -25.41 -2.23 -1.18
C ILE A 365 -26.68 -1.86 -1.97
N GLY A 366 -26.93 -0.57 -2.12
CA GLY A 366 -28.09 -0.09 -2.85
C GLY A 366 -27.63 0.61 -4.13
N VAL A 367 -27.98 0.05 -5.27
CA VAL A 367 -27.54 0.56 -6.55
C VAL A 367 -28.66 1.04 -7.47
N VAL A 368 -28.45 2.20 -8.08
CA VAL A 368 -29.37 2.73 -9.08
C VAL A 368 -28.50 2.95 -10.33
N GLU A 369 -28.74 2.11 -11.34
CA GLU A 369 -27.98 2.19 -12.58
C GLU A 369 -28.71 3.09 -13.57
N THR A 370 -27.96 3.96 -14.24
CA THR A 370 -28.56 4.96 -15.12
C THR A 370 -28.37 4.66 -16.60
N THR A 371 -29.14 5.37 -17.41
CA THR A 371 -29.11 5.15 -18.86
C THR A 371 -27.92 5.91 -19.42
N HIS A 372 -27.67 7.06 -18.81
CA HIS A 372 -26.64 8.00 -19.21
C HIS A 372 -25.64 8.16 -18.08
N PRO A 373 -24.40 8.49 -18.42
CA PRO A 373 -23.34 8.70 -17.45
C PRO A 373 -23.64 9.96 -16.66
N VAL A 374 -23.45 9.98 -15.35
CA VAL A 374 -23.75 11.17 -14.57
C VAL A 374 -22.68 12.25 -14.76
N ASN A 375 -23.04 13.48 -14.43
CA ASN A 375 -22.17 14.65 -14.36
C ASN A 375 -21.91 14.79 -12.86
N MET A 376 -20.80 14.23 -12.44
CA MET A 376 -20.34 14.18 -11.06
C MET A 376 -20.28 15.51 -10.33
N ALA A 377 -19.63 16.48 -10.96
CA ALA A 377 -19.55 17.81 -10.33
C ALA A 377 -20.96 18.32 -10.03
N ALA A 378 -21.82 18.40 -11.05
CA ALA A 378 -23.18 18.83 -10.78
C ALA A 378 -23.95 17.86 -9.89
N LEU A 379 -23.77 16.55 -9.98
CA LEU A 379 -24.60 15.68 -9.11
C LEU A 379 -24.14 15.75 -7.67
N GLN A 380 -22.83 15.73 -7.45
CA GLN A 380 -22.23 15.91 -6.14
C GLN A 380 -22.71 17.17 -5.43
N LYS A 381 -22.72 18.26 -6.19
CA LYS A 381 -23.15 19.56 -5.67
C LYS A 381 -24.59 19.48 -5.17
N PHE A 382 -25.43 18.86 -5.98
CA PHE A 382 -26.82 18.59 -5.67
C PHE A 382 -26.96 17.79 -4.38
N PHE A 383 -26.20 16.69 -4.23
CA PHE A 383 -26.28 15.89 -3.02
C PHE A 383 -25.81 16.70 -1.83
N VAL A 384 -24.70 17.42 -1.96
CA VAL A 384 -24.24 18.27 -0.86
C VAL A 384 -25.32 19.25 -0.42
N GLU A 385 -26.05 19.85 -1.36
CA GLU A 385 -27.16 20.75 -1.04
C GLU A 385 -28.30 20.03 -0.33
N GLN A 386 -28.47 18.72 -0.50
CA GLN A 386 -29.44 17.93 0.22
C GLN A 386 -28.95 17.46 1.59
N GLY A 387 -27.72 17.74 1.97
CA GLY A 387 -27.18 17.32 3.25
C GLY A 387 -26.68 15.88 3.20
N VAL A 388 -26.32 15.37 2.02
CA VAL A 388 -25.87 13.99 1.94
C VAL A 388 -24.57 13.90 1.13
N TRP A 389 -23.74 12.91 1.44
CA TRP A 389 -22.49 12.67 0.74
C TRP A 389 -22.60 11.35 -0.02
N ILE A 390 -22.77 11.45 -1.32
CA ILE A 390 -22.91 10.33 -2.21
C ILE A 390 -21.98 10.62 -3.38
N ARG A 391 -21.18 9.65 -3.78
CA ARG A 391 -20.29 9.87 -4.90
C ARG A 391 -20.65 8.91 -6.04
N PRO A 392 -21.43 9.45 -6.97
CA PRO A 392 -21.89 8.69 -8.12
C PRO A 392 -20.65 8.34 -8.93
N PHE A 393 -20.88 7.64 -10.03
CA PHE A 393 -19.70 7.25 -10.83
C PHE A 393 -20.16 6.39 -11.99
N GLY A 394 -19.86 6.95 -13.15
CA GLY A 394 -20.21 6.35 -14.43
C GLY A 394 -21.74 6.44 -14.58
N LYS A 395 -22.34 5.26 -14.61
CA LYS A 395 -23.79 5.16 -14.67
C LYS A 395 -24.31 4.59 -13.36
N LEU A 396 -23.59 4.81 -12.26
CA LEU A 396 -24.01 4.26 -11.00
C LEU A 396 -24.14 5.30 -9.90
N ILE A 397 -25.34 5.34 -9.34
CA ILE A 397 -25.65 6.14 -8.18
C ILE A 397 -25.97 5.05 -7.15
N TYR A 398 -24.98 4.68 -6.38
CA TYR A 398 -25.10 3.60 -5.41
C TYR A 398 -24.85 4.08 -3.99
N LEU A 399 -25.47 3.37 -3.05
CA LEU A 399 -25.30 3.68 -1.63
C LEU A 399 -24.62 2.50 -0.98
N MET A 400 -23.69 2.74 -0.06
CA MET A 400 -22.97 1.68 0.66
C MET A 400 -22.66 2.26 2.02
N PRO A 401 -23.69 2.54 2.79
CA PRO A 401 -23.55 3.20 4.06
C PRO A 401 -23.11 2.32 5.23
N PRO A 402 -22.65 3.00 6.27
CA PRO A 402 -22.28 2.33 7.49
C PRO A 402 -23.51 1.54 7.99
N TYR A 403 -23.21 0.39 8.59
CA TYR A 403 -24.19 -0.54 9.12
C TYR A 403 -25.03 0.01 10.25
N ILE A 404 -24.52 0.94 11.02
CA ILE A 404 -25.23 1.55 12.10
C ILE A 404 -25.90 2.86 11.70
N ILE A 405 -26.16 3.10 10.43
CA ILE A 405 -26.87 4.30 10.00
C ILE A 405 -28.30 4.29 10.53
N LEU A 406 -28.82 5.46 10.89
CA LEU A 406 -30.19 5.57 11.39
C LEU A 406 -31.13 5.48 10.19
N PRO A 407 -32.34 4.98 10.39
CA PRO A 407 -33.32 4.84 9.32
C PRO A 407 -33.61 6.17 8.64
N GLN A 408 -33.70 7.23 9.42
CA GLN A 408 -33.98 8.57 8.92
C GLN A 408 -32.85 9.12 8.06
N GLN A 409 -31.62 8.68 8.34
CA GLN A 409 -30.42 9.07 7.61
C GLN A 409 -30.38 8.31 6.28
N LEU A 410 -30.89 7.07 6.35
CA LEU A 410 -31.02 6.24 5.15
C LEU A 410 -32.11 6.84 4.29
N GLN A 411 -33.14 7.42 4.89
CA GLN A 411 -34.22 8.04 4.13
C GLN A 411 -33.73 9.25 3.34
N ARG A 412 -32.96 10.15 3.94
CA ARG A 412 -32.41 11.30 3.20
C ARG A 412 -31.56 10.87 2.00
N LEU A 413 -30.76 9.81 2.13
CA LEU A 413 -29.95 9.32 1.02
C LEU A 413 -30.85 8.87 -0.12
N THR A 414 -31.74 7.90 0.17
CA THR A 414 -32.65 7.36 -0.82
C THR A 414 -33.51 8.48 -1.40
N ALA A 415 -34.00 9.41 -0.56
CA ALA A 415 -34.80 10.50 -1.10
C ALA A 415 -33.97 11.28 -2.10
N ALA A 416 -32.74 11.65 -1.75
CA ALA A 416 -31.86 12.43 -2.63
C ALA A 416 -31.53 11.67 -3.90
N VAL A 417 -31.30 10.38 -3.79
CA VAL A 417 -31.09 9.55 -4.96
C VAL A 417 -32.32 9.59 -5.87
N ASN A 418 -33.52 9.45 -5.32
CA ASN A 418 -34.72 9.43 -6.16
C ASN A 418 -34.92 10.74 -6.90
N ARG A 419 -34.66 11.81 -6.15
CA ARG A 419 -34.80 13.16 -6.74
C ARG A 419 -33.81 13.34 -7.87
N ALA A 420 -32.54 12.96 -7.66
CA ALA A 420 -31.53 13.10 -8.69
C ALA A 420 -31.86 12.48 -10.03
N VAL A 421 -32.57 11.36 -10.07
CA VAL A 421 -32.88 10.66 -11.30
C VAL A 421 -34.20 11.03 -11.97
N GLN A 422 -34.88 12.07 -11.51
CA GLN A 422 -36.15 12.46 -12.12
C GLN A 422 -36.04 12.91 -13.56
N ASP A 423 -34.96 13.59 -13.95
CA ASP A 423 -34.78 14.00 -15.34
C ASP A 423 -33.30 14.14 -15.68
N GLU A 424 -33.00 14.60 -16.89
CA GLU A 424 -31.64 14.73 -17.37
C GLU A 424 -30.79 15.84 -16.79
N THR A 425 -31.27 16.74 -15.96
CA THR A 425 -30.52 17.83 -15.36
C THR A 425 -29.08 17.48 -15.00
N PHE A 426 -28.92 16.47 -14.15
CA PHE A 426 -27.63 16.01 -13.69
C PHE A 426 -27.00 14.98 -14.59
N PHE A 427 -27.52 14.75 -15.80
CA PHE A 427 -26.93 13.71 -16.64
C PHE A 427 -26.05 14.13 -17.79
N CYS A 428 -25.14 13.19 -18.06
CA CYS A 428 -24.12 13.21 -19.10
C CYS A 428 -22.95 14.10 -18.66
N MET B 1 2.44 -11.45 26.02
CA MET B 1 2.38 -12.56 25.02
C MET B 1 2.54 -13.89 25.73
N THR B 2 1.98 -14.95 25.19
CA THR B 2 2.09 -16.25 25.83
C THR B 2 2.87 -17.18 24.93
N THR B 3 3.11 -18.40 25.42
CA THR B 3 3.84 -19.37 24.60
C THR B 3 2.88 -19.89 23.54
N ASP B 4 1.59 -19.92 23.83
CA ASP B 4 0.60 -20.33 22.83
C ASP B 4 0.50 -19.18 21.81
N ASP B 5 0.61 -17.94 22.30
CA ASP B 5 0.66 -16.82 21.36
C ASP B 5 1.81 -17.01 20.38
N LEU B 6 3.03 -17.27 20.88
CA LEU B 6 4.17 -17.48 19.99
C LEU B 6 4.10 -18.72 19.16
N ALA B 7 3.46 -19.81 19.60
CA ALA B 7 3.28 -20.97 18.71
C ALA B 7 2.38 -20.58 17.53
N PHE B 8 1.34 -19.81 17.83
CA PHE B 8 0.40 -19.32 16.84
C PHE B 8 1.11 -18.45 15.80
N ASP B 9 1.94 -17.50 16.27
CA ASP B 9 2.67 -16.67 15.31
C ASP B 9 3.45 -17.55 14.33
N GLN B 10 4.23 -18.49 14.83
CA GLN B 10 5.05 -19.34 13.97
C GLN B 10 4.28 -20.27 13.05
N ARG B 11 3.12 -20.77 13.49
CA ARG B 11 2.34 -21.69 12.68
C ARG B 11 1.42 -20.98 11.72
N HIS B 12 0.84 -19.84 12.11
CA HIS B 12 -0.08 -19.16 11.21
C HIS B 12 0.30 -17.89 10.50
N ILE B 13 1.27 -17.12 11.00
CA ILE B 13 1.57 -15.83 10.39
C ILE B 13 2.84 -15.75 9.56
N LEU B 14 2.74 -15.39 8.28
CA LEU B 14 3.93 -15.20 7.46
C LEU B 14 4.66 -13.88 7.76
N HIS B 15 5.96 -13.98 8.01
CA HIS B 15 6.72 -12.74 8.26
C HIS B 15 7.35 -12.35 6.94
N PRO B 16 7.95 -11.18 6.86
CA PRO B 16 8.53 -10.71 5.62
C PRO B 16 9.75 -11.52 5.21
N TYR B 17 9.85 -11.76 3.91
CA TYR B 17 10.98 -12.43 3.28
C TYR B 17 11.46 -13.66 4.03
N THR B 18 10.60 -14.62 4.36
CA THR B 18 11.03 -15.85 5.03
C THR B 18 10.15 -17.04 4.70
N SER B 19 10.40 -18.21 5.29
CA SER B 19 9.63 -19.42 5.00
C SER B 19 8.51 -19.70 5.99
N MET B 20 7.45 -20.35 5.51
CA MET B 20 6.38 -20.74 6.43
C MET B 20 6.62 -22.10 7.07
N THR B 21 7.41 -22.96 6.45
CA THR B 21 7.76 -24.25 7.01
C THR B 21 9.04 -24.12 7.84
N SER B 22 9.81 -23.06 7.57
CA SER B 22 11.06 -22.81 8.27
C SER B 22 11.26 -21.33 8.60
N PRO B 23 10.41 -20.77 9.46
CA PRO B 23 10.53 -19.37 9.84
C PRO B 23 11.85 -19.15 10.56
N LEU B 24 12.26 -17.89 10.68
CA LEU B 24 13.47 -17.70 11.50
C LEU B 24 12.98 -17.07 12.80
N PRO B 25 13.72 -17.35 13.85
CA PRO B 25 13.29 -16.89 15.18
C PRO B 25 12.77 -15.47 15.10
N VAL B 26 11.66 -15.24 15.80
CA VAL B 26 11.07 -13.93 15.96
C VAL B 26 11.13 -13.58 17.45
N TYR B 27 11.29 -12.29 17.73
CA TYR B 27 11.40 -11.82 19.10
C TYR B 27 10.15 -11.03 19.43
N PRO B 28 9.51 -11.38 20.54
CA PRO B 28 8.26 -10.75 20.94
C PRO B 28 8.44 -9.39 21.59
N VAL B 29 8.01 -8.35 20.89
CA VAL B 29 8.15 -6.97 21.37
C VAL B 29 6.86 -6.40 21.90
N VAL B 30 6.79 -5.97 23.14
CA VAL B 30 5.56 -5.45 23.72
C VAL B 30 5.43 -3.93 23.60
N SER B 31 6.52 -3.20 23.54
CA SER B 31 6.44 -1.73 23.42
C SER B 31 7.80 -1.18 22.99
N ALA B 32 7.89 0.12 22.78
CA ALA B 32 9.12 0.75 22.31
C ALA B 32 9.21 2.15 22.93
N GLU B 33 10.39 2.67 23.15
CA GLU B 33 10.53 4.01 23.72
C GLU B 33 11.95 4.50 23.41
N GLY B 34 12.06 5.76 23.02
CA GLY B 34 13.37 6.31 22.71
C GLY B 34 14.03 5.54 21.58
N CYS B 35 15.20 4.92 21.81
CA CYS B 35 15.80 4.21 20.67
C CYS B 35 15.83 2.74 21.00
N GLU B 36 15.00 2.35 21.97
CA GLU B 36 14.94 0.98 22.45
C GLU B 36 13.66 0.23 22.14
N LEU B 37 13.77 -1.07 21.87
CA LEU B 37 12.59 -1.91 21.69
C LEU B 37 12.52 -2.77 22.96
N ILE B 38 11.38 -2.82 23.64
CA ILE B 38 11.29 -3.58 24.88
C ILE B 38 10.70 -4.94 24.57
N LEU B 39 11.31 -6.02 25.05
CA LEU B 39 10.80 -7.35 24.72
C LEU B 39 9.83 -7.87 25.76
N SER B 40 9.12 -8.93 25.43
CA SER B 40 8.17 -9.53 26.35
C SER B 40 8.76 -9.87 27.71
N ASP B 41 10.02 -10.29 27.81
CA ASP B 41 10.61 -10.63 29.10
C ASP B 41 11.15 -9.44 29.90
N GLY B 42 11.21 -8.25 29.30
CA GLY B 42 11.75 -7.08 30.00
C GLY B 42 13.03 -6.57 29.37
N ARG B 43 13.77 -7.40 28.65
CA ARG B 43 14.98 -6.96 28.01
C ARG B 43 14.77 -5.77 27.07
N ARG B 44 15.70 -4.83 27.11
CA ARG B 44 15.64 -3.67 26.23
C ARG B 44 16.67 -3.84 25.12
N LEU B 45 16.41 -3.33 23.92
CA LEU B 45 17.32 -3.48 22.79
C LEU B 45 17.53 -2.15 22.06
N VAL B 46 18.78 -1.75 21.85
CA VAL B 46 19.08 -0.52 21.11
C VAL B 46 18.76 -0.83 19.65
N ASP B 47 17.94 -0.01 19.03
CA ASP B 47 17.54 -0.27 17.66
C ASP B 47 18.52 0.39 16.69
N GLY B 48 19.20 -0.45 15.92
CA GLY B 48 20.13 0.04 14.92
C GLY B 48 19.51 0.10 13.54
N MET B 49 18.27 -0.37 13.37
CA MET B 49 17.64 -0.37 12.06
C MET B 49 16.56 0.68 11.89
N SER B 50 16.10 1.33 12.96
CA SER B 50 15.02 2.31 12.81
C SER B 50 13.75 1.71 12.22
N SER B 51 13.48 0.44 12.50
CA SER B 51 12.33 -0.27 11.95
C SER B 51 12.34 -0.13 10.44
N TRP B 52 13.38 -0.71 9.85
CA TRP B 52 13.57 -0.62 8.42
C TRP B 52 13.46 0.84 8.01
N TRP B 53 14.38 1.57 8.65
CA TRP B 53 14.81 2.91 8.38
C TRP B 53 13.75 4.01 8.36
N ALA B 54 12.55 3.74 8.85
CA ALA B 54 11.49 4.72 8.89
C ALA B 54 11.52 5.54 10.17
N ALA B 55 11.87 4.92 11.30
CA ALA B 55 11.78 5.64 12.58
C ALA B 55 12.97 6.54 12.87
N ILE B 56 13.06 7.64 12.09
CA ILE B 56 14.15 8.59 12.22
C ILE B 56 14.18 9.33 13.55
N HIS B 57 13.05 9.50 14.22
CA HIS B 57 12.97 10.16 15.52
C HIS B 57 12.83 9.14 16.64
N GLY B 58 13.02 7.86 16.35
CA GLY B 58 12.90 6.88 17.44
C GLY B 58 11.42 6.59 17.65
N TYR B 59 11.07 5.97 18.76
CA TYR B 59 9.77 5.51 19.13
C TYR B 59 9.17 6.22 20.32
N ASN B 60 7.85 6.27 20.38
CA ASN B 60 7.12 6.91 21.45
C ASN B 60 7.54 8.36 21.65
N HIS B 61 7.62 9.05 20.54
CA HIS B 61 7.96 10.47 20.47
C HIS B 61 6.71 11.28 20.77
N PRO B 62 6.77 12.11 21.82
CA PRO B 62 5.63 12.90 22.26
C PRO B 62 4.97 13.77 21.22
N GLN B 63 5.75 14.35 20.31
CA GLN B 63 5.20 15.20 19.27
C GLN B 63 4.36 14.35 18.33
N LEU B 64 4.89 13.21 17.93
CA LEU B 64 4.21 12.29 17.05
C LEU B 64 2.96 11.74 17.73
N ASN B 65 3.13 11.26 18.97
CA ASN B 65 2.00 10.71 19.71
C ASN B 65 0.88 11.74 19.82
N ALA B 66 1.17 12.99 20.11
CA ALA B 66 0.16 14.04 20.21
C ALA B 66 -0.59 14.33 18.91
N ALA B 67 0.17 14.34 17.82
CA ALA B 67 -0.39 14.65 16.51
C ALA B 67 -1.42 13.58 16.16
N MET B 68 -1.00 12.34 16.19
CA MET B 68 -1.87 11.20 15.92
C MET B 68 -3.13 11.21 16.79
N LYS B 69 -2.98 11.43 18.10
CA LYS B 69 -4.12 11.45 19.00
C LYS B 69 -5.04 12.62 18.71
N SER B 70 -4.49 13.78 18.36
CA SER B 70 -5.35 14.91 18.06
C SER B 70 -6.24 14.63 16.86
N GLN B 71 -5.62 14.10 15.81
CA GLN B 71 -6.30 13.80 14.56
C GLN B 71 -7.34 12.70 14.74
N ILE B 72 -7.07 11.69 15.55
CA ILE B 72 -8.05 10.66 15.83
C ILE B 72 -9.28 11.30 16.44
N ASP B 73 -9.11 12.30 17.29
CA ASP B 73 -10.18 13.04 17.91
C ASP B 73 -11.02 13.78 16.88
N ALA B 74 -10.44 14.17 15.76
CA ALA B 74 -11.17 14.83 14.69
C ALA B 74 -11.70 13.75 13.75
N MET B 75 -10.85 12.85 13.28
CA MET B 75 -11.18 11.78 12.38
C MET B 75 -9.95 11.05 11.87
N SER B 76 -9.80 9.74 12.00
CA SER B 76 -8.60 9.09 11.48
C SER B 76 -8.62 9.11 9.96
N HIS B 77 -9.84 8.93 9.42
CA HIS B 77 -9.97 8.84 7.99
C HIS B 77 -11.28 9.35 7.42
N VAL B 78 -11.18 9.82 6.17
CA VAL B 78 -12.31 10.22 5.34
C VAL B 78 -11.83 9.98 3.90
N MET B 79 -12.70 9.75 2.93
CA MET B 79 -12.20 9.56 1.57
C MET B 79 -11.65 10.87 1.00
N PHE B 80 -10.93 10.76 -0.10
CA PHE B 80 -10.28 11.90 -0.74
C PHE B 80 -10.91 12.22 -2.09
N GLY B 81 -11.81 11.33 -2.53
CA GLY B 81 -12.53 11.58 -3.78
C GLY B 81 -13.59 12.67 -3.51
N GLY B 82 -13.35 13.86 -4.06
CA GLY B 82 -14.23 15.00 -3.96
C GLY B 82 -14.23 15.66 -2.59
N ILE B 83 -13.28 15.27 -1.75
CA ILE B 83 -13.10 15.78 -0.40
C ILE B 83 -11.63 16.13 -0.17
N THR B 84 -11.36 17.17 0.60
CA THR B 84 -10.02 17.49 1.02
C THR B 84 -10.01 17.92 2.51
N HIS B 85 -8.82 17.94 3.13
CA HIS B 85 -8.73 18.27 4.54
C HIS B 85 -7.39 18.88 4.96
N ALA B 86 -7.37 19.38 6.19
CA ALA B 86 -6.23 20.09 6.72
C ALA B 86 -4.92 19.33 6.72
N PRO B 87 -4.88 18.12 7.26
CA PRO B 87 -3.67 17.31 7.33
C PRO B 87 -3.01 17.09 5.99
N ALA B 88 -3.78 16.79 4.95
CA ALA B 88 -3.23 16.56 3.64
C ALA B 88 -2.66 17.84 3.03
N ILE B 89 -3.36 18.95 3.26
CA ILE B 89 -2.98 20.23 2.66
C ILE B 89 -1.65 20.70 3.25
N GLU B 90 -1.61 20.54 4.56
CA GLU B 90 -0.44 20.86 5.37
C GLU B 90 0.77 20.09 4.88
N LEU B 91 0.57 18.78 4.81
CA LEU B 91 1.59 17.87 4.30
C LEU B 91 2.04 18.23 2.89
N CYS B 92 1.14 18.51 1.95
CA CYS B 92 1.53 18.80 0.58
C CYS B 92 2.20 20.16 0.51
N ARG B 93 1.86 21.07 1.40
CA ARG B 93 2.52 22.36 1.47
C ARG B 93 3.98 22.14 1.87
N LYS B 94 4.18 21.30 2.89
CA LYS B 94 5.53 20.98 3.34
C LYS B 94 6.30 20.24 2.26
N LEU B 95 5.71 19.25 1.62
CA LEU B 95 6.39 18.48 0.58
C LEU B 95 6.77 19.32 -0.62
N VAL B 96 5.89 20.22 -1.08
CA VAL B 96 6.22 21.10 -2.20
C VAL B 96 7.38 22.02 -1.84
N ALA B 97 7.36 22.66 -0.69
CA ALA B 97 8.33 23.60 -0.18
C ALA B 97 9.71 23.05 0.19
N MET B 98 9.79 21.76 0.56
CA MET B 98 11.08 21.18 0.93
C MET B 98 11.75 20.45 -0.21
N THR B 99 11.14 20.36 -1.37
CA THR B 99 11.68 19.66 -2.54
C THR B 99 12.02 20.66 -3.62
N PRO B 100 12.85 20.28 -4.58
CA PRO B 100 13.25 21.17 -5.65
C PRO B 100 12.03 21.83 -6.26
N GLN B 101 12.19 23.05 -6.72
CA GLN B 101 11.14 23.93 -7.25
C GLN B 101 10.23 23.32 -8.30
N PRO B 102 10.74 22.66 -9.33
CA PRO B 102 9.90 22.01 -10.30
C PRO B 102 8.85 21.09 -9.70
N LEU B 103 9.15 20.37 -8.61
CA LEU B 103 8.20 19.43 -8.05
C LEU B 103 7.08 20.05 -7.25
N GLU B 104 5.97 20.40 -7.91
CA GLU B 104 4.89 21.00 -7.11
C GLU B 104 3.56 20.29 -7.18
N CYS B 105 3.49 19.10 -7.74
CA CYS B 105 2.21 18.39 -7.85
C CYS B 105 2.24 17.14 -6.99
N VAL B 106 1.44 17.01 -5.93
CA VAL B 106 1.58 15.84 -5.06
C VAL B 106 0.48 14.80 -5.14
N PHE B 107 0.86 13.54 -5.34
CA PHE B 107 -0.07 12.43 -5.36
C PHE B 107 0.27 11.47 -4.19
N LEU B 108 -0.49 11.63 -3.12
CA LEU B 108 -0.40 10.84 -1.93
C LEU B 108 -0.79 9.39 -2.20
N ALA B 109 -0.06 8.48 -1.56
CA ALA B 109 -0.38 7.05 -1.71
C ALA B 109 -0.14 6.33 -0.38
N ASP B 110 -0.24 5.01 -0.36
CA ASP B 110 -0.16 4.29 0.91
C ASP B 110 1.15 3.60 1.23
N SER B 111 1.89 3.16 0.24
CA SER B 111 3.15 2.48 0.52
C SER B 111 4.19 2.74 -0.57
N GLY B 112 5.45 2.48 -0.24
CA GLY B 112 6.62 2.67 -1.08
C GLY B 112 6.46 2.13 -2.48
N SER B 113 6.16 0.85 -2.61
CA SER B 113 5.92 0.24 -3.89
C SER B 113 4.75 0.93 -4.62
N VAL B 114 3.68 1.35 -3.95
CA VAL B 114 2.62 2.02 -4.72
C VAL B 114 3.16 3.33 -5.27
N ALA B 115 3.92 4.07 -4.46
CA ALA B 115 4.56 5.29 -4.94
C ALA B 115 5.35 5.07 -6.23
N VAL B 116 6.13 4.00 -6.31
CA VAL B 116 6.91 3.68 -7.50
C VAL B 116 5.96 3.37 -8.65
N GLU B 117 4.95 2.53 -8.39
CA GLU B 117 3.98 2.13 -9.42
C GLU B 117 3.27 3.36 -9.99
N VAL B 118 2.95 4.32 -9.10
CA VAL B 118 2.33 5.56 -9.51
C VAL B 118 3.32 6.35 -10.39
N ALA B 119 4.57 6.42 -9.99
CA ALA B 119 5.58 7.11 -10.79
C ALA B 119 5.65 6.45 -12.16
N MET B 120 5.76 5.13 -12.16
CA MET B 120 5.84 4.40 -13.43
C MET B 120 4.65 4.75 -14.29
N LYS B 121 3.45 4.66 -13.73
CA LYS B 121 2.24 5.00 -14.45
C LYS B 121 2.26 6.43 -14.99
N MET B 122 2.69 7.40 -14.19
CA MET B 122 2.86 8.75 -14.70
C MET B 122 3.79 8.79 -15.91
N ALA B 123 4.95 8.13 -15.77
CA ALA B 123 5.87 8.10 -16.91
C ALA B 123 5.11 7.62 -18.15
N LEU B 124 4.48 6.47 -18.09
CA LEU B 124 3.81 5.91 -19.25
C LEU B 124 2.65 6.74 -19.75
N GLN B 125 1.79 7.27 -18.87
CA GLN B 125 0.69 8.08 -19.38
C GLN B 125 1.21 9.33 -20.08
N TYR B 126 2.27 9.90 -19.55
CA TYR B 126 2.92 11.07 -20.13
C TYR B 126 3.18 10.93 -21.62
N TRP B 127 3.85 9.85 -22.02
CA TRP B 127 4.19 9.62 -23.43
C TRP B 127 2.97 9.35 -24.29
N GLN B 128 2.07 8.52 -23.78
CA GLN B 128 0.81 8.16 -24.43
C GLN B 128 0.01 9.41 -24.77
N ALA B 129 -0.01 10.36 -23.83
CA ALA B 129 -0.68 11.64 -24.02
C ALA B 129 -0.04 12.42 -25.16
N LYS B 130 1.27 12.28 -25.40
CA LYS B 130 1.96 12.98 -26.46
C LYS B 130 2.02 12.18 -27.73
N GLY B 131 1.39 11.01 -27.75
CA GLY B 131 1.34 10.12 -28.89
C GLY B 131 2.55 9.21 -29.02
N GLU B 132 3.59 9.40 -28.19
CA GLU B 132 4.76 8.54 -28.32
C GLU B 132 4.51 7.21 -27.63
N ALA B 133 5.12 6.19 -28.25
CA ALA B 133 5.03 4.84 -27.73
C ALA B 133 6.36 4.55 -27.02
N ARG B 134 6.40 4.95 -25.75
CA ARG B 134 7.59 4.73 -24.93
C ARG B 134 7.13 3.85 -23.77
N GLN B 135 7.68 2.64 -23.66
CA GLN B 135 7.24 1.72 -22.64
C GLN B 135 8.26 1.06 -21.74
N ARG B 136 9.54 1.27 -22.03
CA ARG B 136 10.55 0.61 -21.21
C ARG B 136 11.11 1.63 -20.23
N PHE B 137 11.72 1.08 -19.20
CA PHE B 137 12.37 1.89 -18.17
C PHE B 137 13.86 1.56 -18.18
N LEU B 138 14.67 2.60 -18.04
CA LEU B 138 16.12 2.33 -17.99
C LEU B 138 16.48 2.47 -16.51
N THR B 139 16.92 1.41 -15.88
CA THR B 139 17.33 1.52 -14.49
C THR B 139 18.77 0.99 -14.41
N PHE B 140 19.24 0.78 -13.19
CA PHE B 140 20.57 0.32 -12.91
C PHE B 140 20.67 -1.06 -12.25
N ARG B 141 21.81 -1.73 -12.44
CA ARG B 141 21.95 -2.99 -11.68
C ARG B 141 22.05 -2.60 -10.21
N ASN B 142 21.63 -3.54 -9.36
CA ASN B 142 21.60 -3.37 -7.93
C ASN B 142 20.53 -2.42 -7.42
N GLY B 143 19.56 -2.08 -8.25
CA GLY B 143 18.48 -1.19 -7.82
C GLY B 143 17.37 -2.05 -7.19
N TYR B 144 16.75 -1.47 -6.17
CA TYR B 144 15.63 -2.04 -5.47
C TYR B 144 14.51 -0.98 -5.44
N HIS B 145 13.34 -1.35 -5.94
CA HIS B 145 12.21 -0.43 -6.01
C HIS B 145 10.92 -0.95 -5.40
N GLY B 146 10.98 -2.04 -4.63
CA GLY B 146 9.77 -2.54 -3.97
C GLY B 146 9.31 -3.89 -4.47
N ASP B 147 8.22 -4.43 -3.92
CA ASP B 147 7.83 -5.79 -4.29
C ASP B 147 6.60 -5.99 -5.17
N THR B 148 5.76 -4.99 -5.39
CA THR B 148 4.65 -5.20 -6.30
C THR B 148 5.27 -5.42 -7.69
N PHE B 149 4.48 -5.98 -8.58
CA PHE B 149 4.86 -6.26 -9.94
C PHE B 149 5.59 -5.21 -10.74
N GLY B 150 5.03 -3.99 -10.80
CA GLY B 150 5.67 -2.93 -11.59
C GLY B 150 7.06 -2.73 -11.00
N ALA B 151 7.10 -2.51 -9.68
CA ALA B 151 8.37 -2.34 -8.98
C ALA B 151 9.32 -3.51 -9.24
N MET B 152 8.85 -4.77 -9.20
CA MET B 152 9.70 -5.89 -9.50
C MET B 152 10.29 -5.79 -10.91
N SER B 153 9.57 -5.29 -11.90
CA SER B 153 10.12 -5.15 -13.24
C SER B 153 11.32 -4.20 -13.33
N VAL B 154 11.63 -3.36 -12.36
CA VAL B 154 12.78 -2.47 -12.39
C VAL B 154 13.81 -2.81 -11.30
N CYS B 155 13.56 -3.84 -10.52
CA CYS B 155 14.54 -4.27 -9.54
C CYS B 155 15.64 -5.06 -10.25
N ASP B 156 16.81 -5.24 -9.65
CA ASP B 156 17.85 -6.02 -10.32
C ASP B 156 17.36 -7.44 -10.55
N PRO B 157 17.52 -7.95 -11.76
CA PRO B 157 17.15 -9.30 -12.11
C PRO B 157 17.85 -10.36 -11.26
N ASP B 158 18.99 -10.09 -10.64
CA ASP B 158 19.61 -11.11 -9.79
C ASP B 158 19.03 -10.98 -8.40
N ASN B 159 19.37 -9.88 -7.71
CA ASN B 159 18.85 -9.65 -6.37
C ASN B 159 17.44 -10.09 -6.08
N LEU B 169 7.67 -11.14 -15.92
CA LEU B 169 8.20 -9.78 -15.85
C LEU B 169 8.71 -9.19 -17.17
N PRO B 170 8.03 -8.13 -17.60
CA PRO B 170 8.35 -7.37 -18.81
C PRO B 170 9.82 -6.94 -18.73
N GLU B 171 10.55 -7.04 -19.83
CA GLU B 171 11.98 -6.76 -19.80
C GLU B 171 12.37 -5.30 -19.92
N ASN B 172 12.92 -4.73 -18.85
CA ASN B 172 13.37 -3.34 -18.95
C ASN B 172 14.85 -3.34 -19.32
N LEU B 173 15.54 -2.22 -19.15
CA LEU B 173 16.93 -2.12 -19.56
C LEU B 173 17.77 -1.89 -18.32
N PHE B 174 18.89 -2.61 -18.18
CA PHE B 174 19.68 -2.44 -16.95
C PHE B 174 21.12 -2.02 -17.24
N ALA B 175 21.36 -0.71 -17.07
CA ALA B 175 22.71 -0.19 -17.30
C ALA B 175 23.53 -0.71 -16.12
N PRO B 176 24.81 -0.93 -16.36
CA PRO B 176 25.72 -1.39 -15.33
C PRO B 176 25.63 -0.48 -14.11
N ALA B 177 25.74 -1.07 -12.93
CA ALA B 177 25.71 -0.36 -11.66
C ALA B 177 26.78 0.74 -11.63
N PRO B 178 26.45 1.82 -10.95
CA PRO B 178 27.42 2.92 -10.86
C PRO B 178 28.60 2.37 -10.07
N GLN B 179 29.79 2.53 -10.65
CA GLN B 179 30.98 2.05 -9.94
C GLN B 179 31.54 3.21 -9.12
N SER B 180 31.80 4.38 -9.70
CA SER B 180 32.40 5.48 -8.96
C SER B 180 31.98 5.64 -7.50
N ARG B 181 32.75 5.26 -6.50
CA ARG B 181 32.45 5.34 -5.07
C ARG B 181 32.14 6.74 -4.54
N MET B 182 31.20 6.96 -3.60
CA MET B 182 30.94 8.31 -3.09
C MET B 182 32.19 8.80 -2.33
N GLU B 185 36.52 8.89 -6.35
CA GLU B 185 36.80 9.74 -7.50
C GLU B 185 35.74 9.47 -8.58
N TRP B 186 35.60 10.42 -9.51
CA TRP B 186 34.64 10.23 -10.60
C TRP B 186 35.41 9.81 -11.85
N ASP B 187 34.81 8.89 -12.58
CA ASP B 187 35.41 8.46 -13.83
C ASP B 187 34.33 8.23 -14.88
N GLU B 188 34.56 8.85 -16.01
CA GLU B 188 33.79 8.89 -17.21
C GLU B 188 33.49 7.62 -17.97
N ARG B 189 34.17 6.53 -17.65
CA ARG B 189 33.99 5.24 -18.29
C ARG B 189 32.68 4.67 -17.79
N ASP B 190 32.48 4.82 -16.49
CA ASP B 190 31.23 4.44 -15.82
C ASP B 190 30.08 4.61 -16.81
N MET B 191 29.94 5.78 -17.40
CA MET B 191 29.02 6.20 -18.41
C MET B 191 28.90 5.51 -19.74
N VAL B 192 29.87 4.83 -20.35
CA VAL B 192 29.63 4.30 -21.70
C VAL B 192 28.47 3.34 -21.68
N GLY B 193 28.41 2.37 -20.79
CA GLY B 193 27.30 1.42 -20.70
C GLY B 193 25.93 2.08 -20.69
N PHE B 194 25.71 2.97 -19.73
CA PHE B 194 24.46 3.69 -19.62
C PHE B 194 24.22 4.43 -20.94
N ALA B 195 25.30 5.12 -21.34
CA ALA B 195 25.23 5.88 -22.59
C ALA B 195 24.94 4.95 -23.77
N ARG B 196 25.59 3.78 -23.80
CA ARG B 196 25.40 2.84 -24.89
C ARG B 196 23.95 2.40 -24.92
N LEU B 197 23.37 2.01 -23.79
CA LEU B 197 21.99 1.56 -23.73
C LEU B 197 20.99 2.64 -24.11
N MET B 198 21.28 3.87 -23.76
CA MET B 198 20.48 5.04 -24.07
C MET B 198 20.50 5.33 -25.57
N ALA B 199 21.68 5.18 -26.15
CA ALA B 199 21.87 5.38 -27.58
C ALA B 199 20.94 4.43 -28.32
N ALA B 200 21.06 3.14 -27.99
CA ALA B 200 20.29 2.11 -28.63
C ALA B 200 18.79 2.19 -28.43
N HIS B 201 18.30 2.67 -27.28
CA HIS B 201 16.88 2.68 -26.95
C HIS B 201 16.23 4.00 -26.64
N ARG B 202 16.91 5.14 -26.71
CA ARG B 202 16.39 6.45 -26.41
C ARG B 202 14.91 6.73 -26.60
N HIS B 203 14.32 6.33 -27.70
CA HIS B 203 12.96 6.50 -28.13
C HIS B 203 12.00 5.43 -27.60
N GLU B 204 12.54 4.38 -26.97
CA GLU B 204 11.73 3.35 -26.36
C GLU B 204 11.55 3.70 -24.86
N ILE B 205 12.50 4.47 -24.35
CA ILE B 205 12.58 4.82 -22.96
C ILE B 205 11.61 5.92 -22.57
N ALA B 206 10.71 5.57 -21.66
CA ALA B 206 9.74 6.47 -21.09
C ALA B 206 10.37 7.22 -19.93
N ALA B 207 11.13 6.45 -19.11
CA ALA B 207 11.79 7.10 -17.98
C ALA B 207 13.06 6.37 -17.57
N VAL B 208 13.84 7.09 -16.77
CA VAL B 208 15.04 6.56 -16.16
C VAL B 208 14.62 6.41 -14.70
N ILE B 209 14.84 5.31 -14.01
CA ILE B 209 14.50 5.33 -12.57
C ILE B 209 15.70 4.85 -11.78
N ILE B 210 16.10 5.49 -10.69
CA ILE B 210 17.25 5.06 -9.90
C ILE B 210 17.12 5.51 -8.45
N GLU B 211 17.86 4.94 -7.52
CA GLU B 211 17.86 5.49 -6.14
C GLU B 211 19.01 6.49 -6.16
N PRO B 212 18.84 7.74 -5.75
CA PRO B 212 19.93 8.70 -5.81
C PRO B 212 21.07 8.38 -4.86
N ILE B 213 22.31 8.37 -5.32
CA ILE B 213 23.47 8.16 -4.46
C ILE B 213 23.56 6.87 -3.69
N VAL B 214 22.57 6.49 -2.86
CA VAL B 214 22.65 5.24 -2.13
C VAL B 214 21.66 4.20 -2.67
N GLN B 215 22.21 3.10 -3.13
CA GLN B 215 21.43 1.97 -3.59
C GLN B 215 21.33 1.03 -2.38
N GLY B 216 20.22 1.14 -1.66
CA GLY B 216 19.95 0.41 -0.45
C GLY B 216 19.86 -1.09 -0.42
N ALA B 217 18.67 -1.66 -0.55
CA ALA B 217 18.44 -3.10 -0.48
C ALA B 217 19.23 -3.90 -1.50
N GLY B 218 19.59 -3.32 -2.63
CA GLY B 218 20.35 -3.94 -3.68
C GLY B 218 21.84 -4.01 -3.38
N GLY B 219 22.28 -3.66 -2.17
CA GLY B 219 23.66 -3.71 -1.80
C GLY B 219 24.22 -2.61 -0.93
N MET B 220 23.47 -1.62 -0.46
CA MET B 220 24.01 -0.54 0.35
C MET B 220 25.24 0.10 -0.30
N ARG B 221 25.13 0.37 -1.59
CA ARG B 221 26.15 0.92 -2.45
C ARG B 221 26.10 2.44 -2.55
N MET B 222 27.22 3.06 -2.26
CA MET B 222 27.35 4.52 -2.30
C MET B 222 28.12 4.98 -3.51
N TYR B 223 27.44 5.68 -4.41
CA TYR B 223 28.10 6.11 -5.63
C TYR B 223 28.19 7.63 -5.71
N HIS B 224 29.05 8.01 -6.64
CA HIS B 224 29.45 9.36 -6.94
C HIS B 224 28.37 10.26 -7.46
N PRO B 225 28.20 11.44 -6.86
CA PRO B 225 27.15 12.37 -7.26
C PRO B 225 27.20 12.84 -8.70
N GLU B 226 28.35 12.74 -9.39
CA GLU B 226 28.47 13.13 -10.78
C GLU B 226 27.51 12.32 -11.66
N TRP B 227 27.27 11.06 -11.34
CA TRP B 227 26.29 10.23 -12.01
C TRP B 227 24.92 10.89 -12.19
N LEU B 228 24.37 11.45 -11.12
CA LEU B 228 23.08 12.11 -11.19
C LEU B 228 23.19 13.35 -12.06
N LYS B 229 24.32 14.05 -11.95
CA LYS B 229 24.52 15.21 -12.82
C LYS B 229 24.45 14.70 -14.26
N ARG B 230 25.26 13.71 -14.61
CA ARG B 230 25.21 13.22 -15.98
C ARG B 230 23.84 12.71 -16.37
N ILE B 231 23.25 11.77 -15.64
CA ILE B 231 21.94 11.21 -15.96
C ILE B 231 20.89 12.31 -16.17
N ARG B 232 20.88 13.31 -15.29
CA ARG B 232 19.97 14.43 -15.48
C ARG B 232 20.26 15.09 -16.83
N LYS B 233 21.53 15.39 -17.12
CA LYS B 233 21.82 16.03 -18.41
C LYS B 233 21.42 15.19 -19.60
N ILE B 234 21.65 13.88 -19.61
CA ILE B 234 21.22 13.02 -20.71
C ILE B 234 19.69 13.03 -20.85
N CYS B 235 19.00 12.86 -19.71
CA CYS B 235 17.55 12.87 -19.69
C CYS B 235 17.03 14.13 -20.34
N ASP B 236 17.51 15.30 -19.93
CA ASP B 236 17.13 16.55 -20.58
C ASP B 236 17.42 16.54 -22.08
N ARG B 237 18.59 16.06 -22.45
CA ARG B 237 18.99 16.01 -23.84
C ARG B 237 17.90 15.31 -24.65
N GLU B 238 17.62 14.08 -24.26
CA GLU B 238 16.68 13.21 -24.94
C GLU B 238 15.21 13.47 -24.67
N GLY B 239 14.85 14.33 -23.74
CA GLY B 239 13.47 14.61 -23.41
C GLY B 239 12.82 13.51 -22.56
N ILE B 240 13.60 12.62 -21.98
CA ILE B 240 13.18 11.52 -21.15
C ILE B 240 13.02 11.90 -19.69
N LEU B 241 12.05 11.33 -18.95
CA LEU B 241 11.85 11.69 -17.55
C LEU B 241 12.80 10.99 -16.58
N LEU B 242 13.09 11.70 -15.49
CA LEU B 242 13.97 11.19 -14.45
C LEU B 242 13.17 10.91 -13.17
N ILE B 243 13.10 9.62 -12.82
CA ILE B 243 12.41 9.28 -11.59
C ILE B 243 13.49 9.04 -10.51
N ALA B 244 13.36 9.73 -9.41
CA ALA B 244 14.29 9.51 -8.30
C ALA B 244 13.52 8.77 -7.19
N ASP B 245 13.98 7.57 -6.87
CA ASP B 245 13.29 6.80 -5.83
C ASP B 245 14.00 7.09 -4.51
N GLU B 246 13.49 8.04 -3.76
CA GLU B 246 14.10 8.40 -2.49
C GLU B 246 13.37 7.84 -1.27
N ILE B 247 12.67 6.73 -1.44
CA ILE B 247 11.98 6.05 -0.34
C ILE B 247 12.95 5.65 0.77
N ALA B 248 14.15 5.25 0.49
CA ALA B 248 15.16 4.95 1.50
C ALA B 248 16.01 6.19 1.85
N THR B 249 16.41 6.99 0.89
CA THR B 249 17.27 8.13 1.14
C THR B 249 16.62 9.37 1.71
N GLY B 250 15.37 9.67 1.42
CA GLY B 250 14.74 10.88 1.87
C GLY B 250 14.86 11.24 3.32
N PHE B 251 14.52 12.49 3.63
CA PHE B 251 14.45 13.06 4.95
C PHE B 251 15.70 12.94 5.80
N GLY B 252 16.84 13.33 5.24
CA GLY B 252 18.10 13.41 5.95
C GLY B 252 19.01 12.22 6.14
N ARG B 253 18.60 11.03 5.73
CA ARG B 253 19.38 9.82 5.92
C ARG B 253 20.83 9.92 5.46
N THR B 254 21.10 10.41 4.26
CA THR B 254 22.42 10.50 3.70
C THR B 254 23.16 11.79 4.04
N GLY B 255 22.62 12.65 4.89
CA GLY B 255 23.32 13.89 5.24
C GLY B 255 22.66 15.13 4.67
N LYS B 256 21.93 15.02 3.59
CA LYS B 256 21.17 16.09 2.98
C LYS B 256 19.70 15.74 3.14
N LEU B 257 18.79 16.71 3.07
CA LEU B 257 17.37 16.44 3.25
C LEU B 257 16.90 15.40 2.22
N PHE B 258 17.20 15.66 0.95
CA PHE B 258 16.89 14.71 -0.13
C PHE B 258 18.26 14.38 -0.71
N ALA B 259 18.52 13.12 -1.06
CA ALA B 259 19.82 12.73 -1.55
C ALA B 259 20.19 13.33 -2.90
N CYS B 260 19.23 13.83 -3.67
CA CYS B 260 19.43 14.50 -4.93
C CYS B 260 20.22 15.79 -4.73
N GLU B 261 20.12 16.37 -3.54
CA GLU B 261 20.85 17.58 -3.19
C GLU B 261 22.34 17.40 -3.43
N HIS B 262 22.92 16.27 -3.08
CA HIS B 262 24.31 15.98 -3.36
C HIS B 262 24.70 16.34 -4.78
N ALA B 263 23.85 16.10 -5.77
CA ALA B 263 24.22 16.38 -7.16
C ALA B 263 23.67 17.71 -7.65
N GLU B 264 22.94 18.38 -6.76
CA GLU B 264 22.26 19.63 -7.04
C GLU B 264 21.35 19.52 -8.26
N ILE B 265 20.50 18.51 -8.28
CA ILE B 265 19.57 18.28 -9.36
C ILE B 265 18.19 17.91 -8.83
N ALA B 266 17.21 18.03 -9.72
CA ALA B 266 15.82 17.69 -9.45
C ALA B 266 15.38 16.66 -10.48
N PRO B 267 14.72 15.62 -10.03
CA PRO B 267 14.19 14.61 -10.93
C PRO B 267 12.86 15.11 -11.50
N ASP B 268 12.26 14.44 -12.48
CA ASP B 268 10.94 14.87 -12.93
C ASP B 268 9.88 14.34 -11.97
N ILE B 269 10.10 13.15 -11.43
CA ILE B 269 9.26 12.47 -10.48
C ILE B 269 10.09 12.02 -9.28
N LEU B 270 9.63 12.31 -8.09
CA LEU B 270 10.33 11.93 -6.87
C LEU B 270 9.51 10.98 -6.00
N CYS B 271 9.99 9.78 -5.64
CA CYS B 271 9.16 8.93 -4.77
C CYS B 271 9.63 9.01 -3.31
N LEU B 272 8.66 9.20 -2.41
CA LEU B 272 8.87 9.25 -0.98
C LEU B 272 7.99 8.26 -0.23
N GLY B 273 8.49 7.88 0.94
CA GLY B 273 7.86 6.98 1.86
C GLY B 273 8.66 6.85 3.15
N LYS B 274 8.78 5.60 3.57
CA LYS B 274 9.46 5.18 4.80
C LYS B 274 9.56 6.20 5.90
N ALA B 275 10.51 7.12 5.89
CA ALA B 275 10.65 8.06 7.00
C ALA B 275 9.71 9.25 6.90
N LEU B 276 8.89 9.30 5.86
CA LEU B 276 7.89 10.34 5.65
C LEU B 276 7.01 10.53 6.87
N THR B 277 6.58 9.46 7.51
CA THR B 277 5.72 9.54 8.67
C THR B 277 6.43 9.38 10.01
N GLY B 278 7.77 9.24 9.99
CA GLY B 278 8.50 9.06 11.23
C GLY B 278 8.40 7.62 11.71
N GLY B 279 8.11 6.69 10.80
CA GLY B 279 7.98 5.27 11.16
C GLY B 279 6.82 5.01 12.12
N THR B 280 5.76 5.80 12.05
CA THR B 280 4.60 5.67 12.90
C THR B 280 3.60 4.70 12.26
N MET B 281 3.50 4.83 10.94
CA MET B 281 2.56 4.04 10.16
C MET B 281 2.78 4.29 8.68
N THR B 282 2.18 3.49 7.82
CA THR B 282 2.40 3.59 6.39
C THR B 282 1.75 4.79 5.73
N LEU B 283 2.50 5.40 4.80
CA LEU B 283 2.08 6.52 3.98
C LEU B 283 3.12 6.71 2.87
N SER B 284 2.80 7.34 1.75
CA SER B 284 3.80 7.50 0.71
C SER B 284 3.47 8.68 -0.21
N ALA B 285 4.48 9.14 -0.97
CA ALA B 285 4.18 10.28 -1.85
C ALA B 285 5.11 10.28 -3.07
N THR B 286 4.39 10.56 -4.17
CA THR B 286 5.01 10.68 -5.46
C THR B 286 4.78 12.10 -5.99
N LEU B 287 5.88 12.84 -6.08
CA LEU B 287 5.81 14.20 -6.57
C LEU B 287 6.24 14.23 -8.03
N THR B 288 5.65 15.16 -8.76
CA THR B 288 6.03 15.37 -10.15
C THR B 288 5.89 16.88 -10.41
N THR B 289 6.11 17.22 -11.67
CA THR B 289 6.05 18.59 -12.13
C THR B 289 4.71 18.87 -12.81
N ARG B 290 4.50 20.15 -12.98
CA ARG B 290 3.32 20.64 -13.68
C ARG B 290 3.31 20.12 -15.10
N GLU B 291 4.39 20.23 -15.86
CA GLU B 291 4.46 19.67 -17.21
C GLU B 291 4.06 18.20 -17.18
N VAL B 292 4.55 17.42 -16.23
CA VAL B 292 4.14 16.02 -16.17
C VAL B 292 2.69 15.86 -15.77
N ALA B 293 2.21 16.53 -14.73
CA ALA B 293 0.83 16.41 -14.27
C ALA B 293 -0.22 16.90 -15.26
N GLU B 294 0.09 18.00 -15.93
CA GLU B 294 -0.81 18.58 -16.92
C GLU B 294 -0.85 17.74 -18.19
N THR B 295 0.32 17.24 -18.60
CA THR B 295 0.35 16.44 -19.81
C THR B 295 -0.57 15.24 -19.60
N ILE B 296 -0.32 14.53 -18.51
CA ILE B 296 -1.17 13.37 -18.19
C ILE B 296 -2.63 13.74 -18.32
N SER B 297 -3.12 14.67 -17.50
CA SER B 297 -4.52 15.08 -17.58
C SER B 297 -4.99 15.29 -19.00
N ASN B 298 -4.27 15.97 -19.88
CA ASN B 298 -4.70 16.26 -21.24
C ASN B 298 -4.68 15.20 -22.31
N GLY B 299 -4.21 13.98 -22.13
CA GLY B 299 -4.28 12.99 -23.21
C GLY B 299 -5.74 12.58 -23.44
N GLY B 302 -7.93 11.70 -19.85
CA GLY B 302 -8.50 12.90 -19.24
C GLY B 302 -8.03 12.93 -17.79
N CYS B 303 -7.56 11.78 -17.30
CA CYS B 303 -7.16 11.74 -15.91
C CYS B 303 -6.07 10.73 -15.57
N PHE B 304 -5.72 10.86 -14.29
CA PHE B 304 -4.73 9.97 -13.73
C PHE B 304 -5.50 8.87 -13.01
N MET B 305 -5.43 7.72 -13.67
CA MET B 305 -6.09 6.48 -13.30
C MET B 305 -5.54 5.76 -12.09
N HIS B 306 -5.67 6.40 -10.92
CA HIS B 306 -5.16 5.81 -9.70
C HIS B 306 -5.81 6.44 -8.49
N GLY B 307 -6.14 5.59 -7.50
CA GLY B 307 -6.77 6.14 -6.32
C GLY B 307 -6.92 5.15 -5.19
N PRO B 308 -5.89 4.91 -4.41
CA PRO B 308 -5.99 4.01 -3.27
C PRO B 308 -7.18 4.37 -2.40
N THR B 309 -7.78 3.36 -1.78
CA THR B 309 -8.94 3.51 -0.91
C THR B 309 -8.62 4.50 0.20
N PHE B 310 -7.49 4.36 0.87
CA PHE B 310 -7.19 5.30 1.95
C PHE B 310 -6.24 6.43 1.56
N MET B 311 -6.18 6.80 0.29
CA MET B 311 -5.39 7.94 -0.15
C MET B 311 -5.59 9.18 0.69
N GLY B 312 -4.54 9.90 1.04
CA GLY B 312 -4.55 11.11 1.82
C GLY B 312 -4.98 10.96 3.26
N ASN B 313 -5.18 9.74 3.74
CA ASN B 313 -5.64 9.43 5.07
C ASN B 313 -5.30 10.49 6.10
N PRO B 314 -6.31 11.11 6.69
CA PRO B 314 -6.06 12.11 7.73
C PRO B 314 -5.10 11.65 8.81
N LEU B 315 -5.19 10.48 9.44
CA LEU B 315 -4.28 10.12 10.51
C LEU B 315 -2.81 9.98 10.08
N ALA B 316 -2.55 9.35 8.94
CA ALA B 316 -1.17 9.24 8.48
C ALA B 316 -0.60 10.60 8.08
N CYS B 317 -1.40 11.49 7.48
CA CYS B 317 -0.88 12.78 7.07
C CYS B 317 -0.44 13.60 8.28
N ALA B 318 -1.25 13.55 9.33
CA ALA B 318 -0.95 14.28 10.55
C ALA B 318 0.34 13.77 11.20
N ALA B 319 0.56 12.45 11.19
CA ALA B 319 1.78 11.92 11.78
C ALA B 319 2.98 12.44 10.96
N ALA B 320 2.90 12.29 9.65
CA ALA B 320 3.93 12.82 8.76
C ALA B 320 4.04 14.34 8.98
N ASN B 321 2.96 15.10 9.17
CA ASN B 321 3.15 16.52 9.42
C ASN B 321 3.99 16.69 10.68
N ALA B 322 3.67 15.96 11.73
CA ALA B 322 4.46 16.07 12.97
C ALA B 322 5.92 15.67 12.75
N SER B 323 6.23 14.68 11.92
CA SER B 323 7.59 14.26 11.66
C SER B 323 8.35 15.28 10.81
N LEU B 324 7.69 15.93 9.87
CA LEU B 324 8.34 16.94 9.03
C LEU B 324 8.61 18.21 9.84
N ALA B 325 7.75 18.47 10.83
CA ALA B 325 7.91 19.61 11.71
C ALA B 325 9.16 19.43 12.56
N ILE B 326 9.38 18.24 13.09
CA ILE B 326 10.57 17.92 13.89
C ILE B 326 11.82 18.20 13.06
N LEU B 327 11.81 17.80 11.78
CA LEU B 327 12.93 18.11 10.91
C LEU B 327 13.03 19.62 10.70
N GLU B 328 11.97 20.42 10.81
CA GLU B 328 12.05 21.85 10.56
C GLU B 328 13.01 22.53 11.51
N SER B 329 13.21 22.04 12.74
CA SER B 329 14.15 22.61 13.67
C SER B 329 15.57 22.66 13.12
N GLY B 330 15.94 21.73 12.25
CA GLY B 330 17.21 21.67 11.59
C GLY B 330 18.20 20.77 12.30
N ASP B 331 17.91 20.40 13.53
CA ASP B 331 18.73 19.55 14.36
C ASP B 331 19.23 18.26 13.75
N TRP B 332 18.58 17.70 12.74
CA TRP B 332 19.03 16.44 12.15
C TRP B 332 20.39 16.57 11.50
N GLN B 333 20.74 17.75 10.96
CA GLN B 333 22.02 17.92 10.29
C GLN B 333 23.20 17.67 11.22
N GLN B 334 23.20 18.37 12.38
CA GLN B 334 24.29 18.11 13.30
C GLN B 334 24.22 16.65 13.75
N GLN B 335 23.01 16.17 14.05
CA GLN B 335 22.85 14.78 14.44
C GLN B 335 23.36 13.79 13.42
N VAL B 336 23.00 13.93 12.14
CA VAL B 336 23.50 13.00 11.13
C VAL B 336 24.98 13.19 10.90
N ALA B 337 25.49 14.42 10.98
CA ALA B 337 26.93 14.67 10.82
C ALA B 337 27.75 13.92 11.86
N ASP B 338 27.35 14.01 13.11
CA ASP B 338 28.02 13.33 14.20
C ASP B 338 27.86 11.83 14.18
N ILE B 339 26.71 11.33 13.68
CA ILE B 339 26.55 9.89 13.58
C ILE B 339 27.50 9.39 12.49
N GLU B 340 27.62 10.18 11.40
CA GLU B 340 28.51 9.80 10.32
C GLU B 340 29.96 9.69 10.79
N VAL B 341 30.41 10.72 11.49
CA VAL B 341 31.74 10.71 12.05
C VAL B 341 31.88 9.50 12.96
N GLN B 342 30.93 9.28 13.87
CA GLN B 342 31.00 8.20 14.84
C GLN B 342 30.97 6.81 14.25
N LEU B 343 30.32 6.57 13.11
CA LEU B 343 30.27 5.26 12.48
C LEU B 343 31.62 5.00 11.79
N ARG B 344 32.18 6.08 11.27
CA ARG B 344 33.47 6.02 10.59
C ARG B 344 34.56 5.56 11.56
N GLU B 345 34.62 6.22 12.70
CA GLU B 345 35.60 5.93 13.74
C GLU B 345 35.44 4.49 14.23
N GLN B 346 34.24 4.17 14.73
CA GLN B 346 33.98 2.88 15.31
C GLN B 346 33.87 1.68 14.41
N LEU B 347 33.67 1.81 13.10
CA LEU B 347 33.66 0.61 12.27
C LEU B 347 35.02 0.42 11.64
N ALA B 348 35.89 1.42 11.65
CA ALA B 348 37.23 1.36 11.08
C ALA B 348 37.95 0.04 11.33
N PRO B 349 38.08 -0.39 12.59
CA PRO B 349 38.67 -1.64 12.98
C PRO B 349 38.13 -2.87 12.27
N ALA B 350 36.87 -2.84 11.83
CA ALA B 350 36.23 -3.90 11.09
C ALA B 350 36.95 -4.10 9.76
N ARG B 351 37.70 -3.09 9.31
CA ARG B 351 38.57 -3.25 8.16
C ARG B 351 39.70 -4.24 8.46
N ASP B 352 40.00 -4.63 9.70
CA ASP B 352 41.02 -5.61 10.00
C ASP B 352 40.47 -7.01 10.22
N ALA B 353 39.16 -7.20 10.34
CA ALA B 353 38.58 -8.51 10.55
C ALA B 353 38.64 -9.37 9.30
N GLU B 354 38.74 -10.70 9.48
CA GLU B 354 38.83 -11.56 8.31
C GLU B 354 37.50 -11.79 7.63
N MET B 355 36.35 -11.55 8.24
CA MET B 355 35.10 -11.77 7.50
C MET B 355 34.70 -10.54 6.68
N VAL B 356 35.35 -9.42 6.92
CA VAL B 356 35.05 -8.17 6.26
C VAL B 356 35.68 -7.92 4.91
N ALA B 357 34.88 -7.40 3.99
CA ALA B 357 35.28 -7.12 2.63
C ALA B 357 35.40 -5.63 2.32
N ASP B 358 34.67 -4.81 3.10
CA ASP B 358 34.68 -3.38 2.90
C ASP B 358 33.89 -2.65 3.98
N VAL B 359 34.25 -1.41 4.27
CA VAL B 359 33.53 -0.60 5.23
C VAL B 359 33.19 0.72 4.55
N ARG B 360 31.90 1.01 4.46
CA ARG B 360 31.46 2.27 3.85
C ARG B 360 30.41 2.85 4.79
N VAL B 361 30.52 4.17 4.93
CA VAL B 361 29.68 4.97 5.81
C VAL B 361 29.26 6.24 5.07
N LEU B 362 28.06 6.71 5.33
CA LEU B 362 27.53 7.94 4.74
C LEU B 362 26.31 8.41 5.51
N GLY B 363 26.39 9.61 6.06
CA GLY B 363 25.26 10.17 6.83
C GLY B 363 25.02 9.20 8.00
N ALA B 364 23.77 8.81 8.21
CA ALA B 364 23.49 7.84 9.27
C ALA B 364 23.31 6.44 8.66
N ILE B 365 24.17 6.10 7.70
CA ILE B 365 24.19 4.80 7.08
C ILE B 365 25.58 4.18 7.32
N GLY B 366 25.68 3.19 8.20
CA GLY B 366 26.95 2.53 8.49
C GLY B 366 26.91 1.09 8.02
N VAL B 367 27.70 0.76 7.01
CA VAL B 367 27.69 -0.56 6.40
C VAL B 367 28.97 -1.36 6.55
N VAL B 368 28.83 -2.64 6.91
CA VAL B 368 29.99 -3.54 6.96
C VAL B 368 29.65 -4.67 5.97
N GLU B 369 30.39 -4.76 4.90
CA GLU B 369 30.13 -5.79 3.88
C GLU B 369 31.04 -6.98 4.08
N THR B 370 30.48 -8.18 4.08
CA THR B 370 31.22 -9.39 4.37
C THR B 370 31.60 -10.19 3.15
N THR B 371 32.49 -11.14 3.42
CA THR B 371 33.03 -11.99 2.37
C THR B 371 32.04 -13.11 2.10
N HIS B 372 31.39 -13.52 3.18
CA HIS B 372 30.44 -14.63 3.20
C HIS B 372 29.07 -14.13 3.63
N PRO B 373 28.01 -14.80 3.17
CA PRO B 373 26.65 -14.42 3.55
C PRO B 373 26.48 -14.73 5.03
N VAL B 374 25.79 -13.89 5.80
CA VAL B 374 25.60 -14.20 7.21
C VAL B 374 24.55 -15.28 7.43
N ASN B 375 24.50 -15.85 8.60
CA ASN B 375 23.52 -16.78 9.14
C ASN B 375 22.73 -15.87 10.11
N MET B 376 21.62 -15.40 9.58
CA MET B 376 20.72 -14.49 10.27
C MET B 376 20.20 -14.97 11.61
N ALA B 377 19.71 -16.20 11.63
CA ALA B 377 19.17 -16.73 12.89
C ALA B 377 20.26 -16.62 13.94
N ALA B 378 21.41 -17.24 13.71
CA ALA B 378 22.52 -17.13 14.67
C ALA B 378 23.06 -15.73 14.84
N LEU B 379 23.12 -14.89 13.80
CA LEU B 379 23.66 -13.55 14.05
C LEU B 379 22.68 -12.70 14.85
N GLN B 380 21.41 -12.72 14.48
CA GLN B 380 20.35 -12.03 15.22
C GLN B 380 20.35 -12.39 16.70
N LYS B 381 20.47 -13.71 16.98
CA LYS B 381 20.49 -14.18 18.36
C LYS B 381 21.64 -13.53 19.11
N PHE B 382 22.81 -13.53 18.46
CA PHE B 382 23.98 -12.90 19.03
C PHE B 382 23.73 -11.41 19.28
N PHE B 383 23.15 -10.69 18.31
CA PHE B 383 22.89 -9.26 18.59
C PHE B 383 21.91 -9.12 19.75
N VAL B 384 20.84 -9.93 19.76
CA VAL B 384 19.87 -9.81 20.86
C VAL B 384 20.57 -10.04 22.18
N GLU B 385 21.48 -11.01 22.30
CA GLU B 385 22.24 -11.23 23.53
C GLU B 385 23.14 -10.06 23.91
N GLN B 386 23.57 -9.22 22.97
CA GLN B 386 24.32 -8.02 23.24
C GLN B 386 23.42 -6.84 23.58
N GLY B 387 22.10 -6.98 23.59
CA GLY B 387 21.19 -5.89 23.89
C GLY B 387 21.01 -4.93 22.73
N VAL B 388 21.14 -5.43 21.50
CA VAL B 388 20.99 -4.58 20.32
C VAL B 388 20.10 -5.27 19.29
N TRP B 389 19.43 -4.44 18.48
CA TRP B 389 18.55 -4.98 17.44
C TRP B 389 19.11 -4.56 16.09
N ILE B 390 19.69 -5.53 15.41
CA ILE B 390 20.31 -5.27 14.11
C ILE B 390 19.84 -6.42 13.23
N ARG B 391 19.41 -6.12 12.01
CA ARG B 391 19.01 -7.20 11.13
C ARG B 391 19.94 -7.21 9.92
N PRO B 392 20.94 -8.09 9.99
CA PRO B 392 21.87 -8.28 8.90
C PRO B 392 21.10 -8.80 7.70
N PHE B 393 21.82 -9.00 6.60
CA PHE B 393 21.11 -9.46 5.41
C PHE B 393 22.09 -9.58 4.25
N GLY B 394 22.13 -10.81 3.74
CA GLY B 394 23.04 -11.22 2.68
C GLY B 394 24.47 -11.15 3.24
N LYS B 395 25.23 -10.23 2.66
CA LYS B 395 26.59 -9.97 3.09
C LYS B 395 26.68 -8.60 3.75
N LEU B 396 25.56 -8.05 4.21
CA LEU B 396 25.59 -6.74 4.82
C LEU B 396 25.13 -6.74 6.27
N ILE B 397 25.97 -6.18 7.10
CA ILE B 397 25.71 -5.94 8.51
C ILE B 397 25.77 -4.40 8.57
N TYR B 398 24.62 -3.79 8.40
CA TYR B 398 24.58 -2.33 8.34
C TYR B 398 23.76 -1.75 9.49
N LEU B 399 24.07 -0.51 9.84
CA LEU B 399 23.36 0.24 10.86
C LEU B 399 22.67 1.43 10.18
N MET B 400 21.42 1.70 10.50
CA MET B 400 20.69 2.86 9.99
C MET B 400 19.80 3.33 11.14
N PRO B 401 20.42 3.80 12.20
CA PRO B 401 19.72 4.17 13.40
C PRO B 401 19.03 5.51 13.35
N PRO B 402 18.11 5.68 14.30
CA PRO B 402 17.41 6.95 14.47
C PRO B 402 18.46 8.03 14.69
N TYR B 403 18.16 9.22 14.19
CA TYR B 403 19.02 10.37 14.27
C TYR B 403 19.28 10.87 15.66
N ILE B 404 18.41 10.64 16.61
CA ILE B 404 18.58 11.10 17.98
C ILE B 404 19.14 10.03 18.90
N ILE B 405 19.78 9.01 18.34
CA ILE B 405 20.41 7.98 19.17
C ILE B 405 21.51 8.59 20.03
N LEU B 406 21.69 8.05 21.24
CA LEU B 406 22.76 8.54 22.12
C LEU B 406 24.08 7.92 21.68
N PRO B 407 25.19 8.60 21.94
CA PRO B 407 26.50 8.16 21.50
C PRO B 407 26.85 6.79 22.06
N GLN B 408 26.47 6.57 23.30
CA GLN B 408 26.66 5.31 24.01
C GLN B 408 25.87 4.17 23.40
N GLN B 409 24.71 4.50 22.84
CA GLN B 409 23.82 3.54 22.20
C GLN B 409 24.40 3.19 20.84
N LEU B 410 25.02 4.18 20.21
CA LEU B 410 25.71 3.97 18.95
C LEU B 410 26.92 3.07 19.22
N GLN B 411 27.60 3.27 20.35
CA GLN B 411 28.75 2.46 20.71
C GLN B 411 28.36 1.00 20.89
N ARG B 412 27.30 0.65 21.58
CA ARG B 412 26.92 -0.76 21.69
C ARG B 412 26.64 -1.42 20.33
N LEU B 413 26.05 -0.70 19.40
CA LEU B 413 25.79 -1.25 18.07
C LEU B 413 27.12 -1.57 17.36
N THR B 414 27.96 -0.54 17.26
CA THR B 414 29.25 -0.67 16.58
C THR B 414 30.09 -1.75 17.26
N ALA B 415 30.08 -1.76 18.59
CA ALA B 415 30.82 -2.79 19.33
C ALA B 415 30.29 -4.17 18.95
N ALA B 416 28.97 -4.34 18.93
CA ALA B 416 28.38 -5.63 18.57
C ALA B 416 28.69 -5.99 17.14
N VAL B 417 28.66 -5.00 16.23
CA VAL B 417 29.02 -5.28 14.84
C VAL B 417 30.47 -5.74 14.75
N ASN B 418 31.39 -5.08 15.45
CA ASN B 418 32.80 -5.43 15.39
C ASN B 418 33.07 -6.86 15.90
N ARG B 419 32.33 -7.18 16.97
CA ARG B 419 32.48 -8.50 17.58
C ARG B 419 31.98 -9.58 16.65
N ALA B 420 30.80 -9.36 16.04
CA ALA B 420 30.22 -10.31 15.12
C ALA B 420 31.15 -10.73 13.99
N VAL B 421 31.97 -9.84 13.47
CA VAL B 421 32.81 -10.17 12.31
C VAL B 421 34.19 -10.68 12.63
N GLN B 422 34.50 -11.02 13.88
CA GLN B 422 35.83 -11.51 14.24
C GLN B 422 36.19 -12.84 13.59
N ASP B 423 35.24 -13.75 13.43
CA ASP B 423 35.51 -15.01 12.75
C ASP B 423 34.26 -15.53 12.06
N GLU B 424 34.36 -16.74 11.53
CA GLU B 424 33.27 -17.36 10.81
C GLU B 424 32.12 -17.90 11.63
N THR B 425 32.14 -17.95 12.94
CA THR B 425 31.05 -18.42 13.77
C THR B 425 29.66 -18.15 13.19
N PHE B 426 29.36 -16.86 13.01
CA PHE B 426 28.08 -16.43 12.50
C PHE B 426 27.97 -16.40 11.00
N PHE B 427 28.91 -17.03 10.27
CA PHE B 427 28.83 -16.93 8.82
C PHE B 427 28.41 -18.15 8.04
N CYS B 428 27.84 -17.82 6.89
CA CYS B 428 27.28 -18.70 5.87
C CYS B 428 25.89 -19.15 6.31
#